data_5F6K
#
_entry.id   5F6K
#
_cell.length_a   80.342
_cell.length_b   236.076
_cell.length_c   44.416
_cell.angle_alpha   90.000
_cell.angle_beta   90.000
_cell.angle_gamma   90.000
#
_symmetry.space_group_name_H-M   'P 21 21 2'
#
loop_
_entity.id
_entity.type
_entity.pdbx_description
1 polymer 'Set1/Ash2 histone methyltransferase complex subunit ASH2,Set1/Ash2 histone methyltransferase complex subunit ASH2'
2 polymer 'Histone-lysine N-methyltransferase 2C'
3 polymer 'Retinoblastoma-binding protein 5'
4 polymer 'peptide ARTKQTARK'
5 non-polymer 'ZINC ION'
6 non-polymer S-ADENOSYL-L-HOMOCYSTEINE
7 water water
#
loop_
_entity_poly.entity_id
_entity_poly.type
_entity_poly.pdbx_seq_one_letter_code
_entity_poly.pdbx_strand_id
1 'polypeptide(L)'
;SRVLLALHDRAPQLKISDDRLTVVGEKGYSMVRASHGVRKGAWYFEITVDEMPPDTAARLGWSQPLGNLQAPLGYDKFSY
SWRSKKGTKFHQSIGKHYSSGYGQGDVLGFYINLPEDTISGRGSSEIIFYKNGVNQGVAYKDIFEGVYFPAISLYKSCTV
SINFGPCFKYPPKDLTYRPMSDMG
;
A,B
2 'polypeptide(L)'
;GPLGSKSSQYRKMKTEWKSNVYLARSRIQGLGLYAARDIEKHTMVIEYIGTIIRNEVANRKEKLYESQNRGVYMFRMDND
HVIDATLTGGPARYINHSCAPNCVAEVVTFERGHKIIISSSRRIQKGEELCYDYKFDFEDDQHKIPCHCGAVNCRKWMN
;
C,E
3 'polypeptide(L)' SAFAPDFKELDENVEYEERESEFDIED D,F
4 'polypeptide(L)' ARTKQTARK M
#
loop_
_chem_comp.id
_chem_comp.type
_chem_comp.name
_chem_comp.formula
ZN non-polymer 'ZINC ION' 'Zn 2'
#
# COMPACT_ATOMS: atom_id res chain seq x y z
N ARG A 2 -12.51 28.16 -10.53
CA ARG A 2 -11.62 27.51 -9.56
C ARG A 2 -12.10 26.09 -9.24
N VAL A 3 -11.16 25.16 -9.11
CA VAL A 3 -11.50 23.77 -8.84
C VAL A 3 -11.75 23.53 -7.36
N LEU A 4 -12.93 22.98 -7.05
CA LEU A 4 -13.36 22.77 -5.67
C LEU A 4 -14.11 21.45 -5.56
N LEU A 5 -14.52 21.09 -4.35
CA LEU A 5 -15.44 19.98 -4.17
C LEU A 5 -16.81 20.45 -4.64
N ALA A 6 -17.48 19.63 -5.46
CA ALA A 6 -18.78 20.00 -6.01
C ALA A 6 -19.82 20.14 -4.91
N LEU A 7 -20.69 21.13 -5.05
CA LEU A 7 -21.69 21.41 -4.02
C LEU A 7 -22.99 20.63 -4.28
N HIS A 8 -23.14 20.08 -5.47
CA HIS A 8 -24.34 19.33 -5.83
C HIS A 8 -24.04 17.92 -6.30
N ASP A 9 -22.84 17.72 -6.84
CA ASP A 9 -22.40 16.38 -7.24
C ASP A 9 -21.76 15.69 -6.04
N ARG A 10 -22.57 15.46 -5.02
CA ARG A 10 -22.11 14.95 -3.74
C ARG A 10 -23.23 14.29 -2.96
N ALA A 11 -22.88 13.32 -2.13
CA ALA A 11 -23.86 12.74 -1.22
C ALA A 11 -24.19 13.79 -0.15
N PRO A 12 -25.47 14.06 0.05
CA PRO A 12 -25.91 15.15 0.94
C PRO A 12 -25.44 15.00 2.38
N GLN A 13 -25.22 13.79 2.86
CA GLN A 13 -24.85 13.60 4.26
C GLN A 13 -23.39 13.95 4.53
N LEU A 14 -22.59 14.06 3.49
CA LEU A 14 -21.20 14.51 3.61
C LEU A 14 -21.15 15.98 4.00
N LYS A 15 -20.32 16.30 4.99
CA LYS A 15 -20.18 17.68 5.45
C LYS A 15 -19.00 18.36 4.78
N ILE A 16 -19.28 19.38 4.00
CA ILE A 16 -18.27 20.11 3.25
C ILE A 16 -17.94 21.44 3.93
N SER A 17 -16.65 21.75 4.05
CA SER A 17 -16.23 23.00 4.66
C SER A 17 -16.65 24.21 3.82
N ASP A 18 -16.44 25.41 4.36
CA ASP A 18 -16.82 26.64 3.67
C ASP A 18 -16.01 26.84 2.39
N ASP A 19 -14.70 26.59 2.47
CA ASP A 19 -13.83 26.75 1.30
C ASP A 19 -13.94 25.56 0.36
N ARG A 20 -14.77 24.59 0.73
CA ARG A 20 -15.05 23.41 -0.11
C ARG A 20 -13.79 22.62 -0.47
N LEU A 21 -12.84 22.56 0.46
CA LEU A 21 -11.62 21.77 0.26
C LEU A 21 -11.47 20.71 1.34
N THR A 22 -12.44 20.66 2.25
CA THR A 22 -12.41 19.70 3.36
C THR A 22 -13.76 19.02 3.49
N VAL A 23 -13.75 17.70 3.66
CA VAL A 23 -14.98 16.94 3.79
C VAL A 23 -14.91 15.98 4.96
N VAL A 24 -16.02 15.89 5.70
CA VAL A 24 -16.14 14.97 6.82
C VAL A 24 -17.22 13.93 6.50
N GLY A 25 -16.90 12.66 6.74
CA GLY A 25 -17.80 11.58 6.39
C GLY A 25 -18.92 11.37 7.40
N GLU A 26 -19.90 10.57 7.01
CA GLU A 26 -21.08 10.33 7.84
C GLU A 26 -21.63 8.93 7.61
N LYS A 27 -21.44 8.05 8.59
CA LYS A 27 -21.93 6.68 8.54
C LYS A 27 -21.42 5.94 7.30
N GLY A 28 -22.29 5.16 6.67
CA GLY A 28 -21.91 4.36 5.52
C GLY A 28 -21.22 5.14 4.41
N TYR A 29 -20.42 4.44 3.60
CA TYR A 29 -19.67 5.06 2.51
C TYR A 29 -20.53 5.95 1.63
N SER A 30 -20.07 7.18 1.42
CA SER A 30 -20.72 8.11 0.51
C SER A 30 -19.65 8.99 -0.14
N MET A 31 -19.94 9.47 -1.33
CA MET A 31 -18.92 10.07 -2.17
C MET A 31 -19.20 11.53 -2.53
N VAL A 32 -18.12 12.28 -2.76
CA VAL A 32 -18.19 13.60 -3.35
C VAL A 32 -17.16 13.67 -4.48
N ARG A 33 -17.54 14.27 -5.60
CA ARG A 33 -16.60 14.48 -6.70
C ARG A 33 -16.18 15.93 -6.77
N ALA A 34 -15.08 16.19 -7.48
CA ALA A 34 -14.63 17.57 -7.69
C ALA A 34 -15.47 18.22 -8.76
N SER A 35 -15.35 19.53 -8.90
CA SER A 35 -16.17 20.28 -9.83
C SER A 35 -15.71 20.11 -11.28
N HIS A 36 -14.43 19.77 -11.45
CA HIS A 36 -13.84 19.67 -12.78
C HIS A 36 -13.29 18.28 -13.05
N GLY A 37 -13.43 17.82 -14.30
CA GLY A 37 -12.95 16.52 -14.70
C GLY A 37 -12.00 16.59 -15.87
N VAL A 38 -11.28 15.50 -16.12
CA VAL A 38 -10.33 15.45 -17.23
C VAL A 38 -10.63 14.23 -18.12
N ARG A 39 -10.41 14.41 -19.42
CA ARG A 39 -10.64 13.32 -20.37
C ARG A 39 -9.34 12.89 -21.04
N LYS A 40 -8.40 13.82 -21.15
CA LYS A 40 -7.13 13.54 -21.80
C LYS A 40 -5.96 14.17 -21.06
N GLY A 41 -4.78 13.57 -21.18
CA GLY A 41 -3.57 14.11 -20.59
C GLY A 41 -3.22 13.54 -19.22
N ALA A 42 -2.13 14.02 -18.66
CA ALA A 42 -1.68 13.58 -17.34
C ALA A 42 -2.03 14.61 -16.28
N TRP A 43 -2.74 14.16 -15.24
CA TRP A 43 -3.22 15.09 -14.22
C TRP A 43 -2.91 14.58 -12.82
N TYR A 44 -2.94 15.49 -11.85
CA TYR A 44 -2.50 15.16 -10.50
C TYR A 44 -3.18 16.01 -9.43
N PHE A 45 -3.49 15.40 -8.30
CA PHE A 45 -3.95 16.14 -7.13
C PHE A 45 -3.57 15.42 -5.84
N GLU A 46 -3.65 16.14 -4.72
CA GLU A 46 -3.27 15.60 -3.42
C GLU A 46 -4.43 15.56 -2.44
N ILE A 47 -4.40 14.61 -1.52
CA ILE A 47 -5.32 14.57 -0.40
C ILE A 47 -4.56 14.34 0.90
N THR A 48 -4.81 15.19 1.89
CA THR A 48 -4.25 15.01 3.22
C THR A 48 -5.31 14.47 4.17
N VAL A 49 -4.98 13.38 4.87
CA VAL A 49 -5.88 12.84 5.87
C VAL A 49 -5.71 13.62 7.18
N ASP A 50 -6.63 14.54 7.43
CA ASP A 50 -6.54 15.42 8.59
C ASP A 50 -6.83 14.66 9.88
N GLU A 51 -7.90 13.88 9.87
CA GLU A 51 -8.27 13.10 11.04
C GLU A 51 -8.91 11.79 10.61
N MET A 52 -8.45 10.68 11.19
CA MET A 52 -9.03 9.38 10.91
C MET A 52 -9.18 8.57 12.20
N PRO A 53 -10.26 8.84 12.95
CA PRO A 53 -10.54 8.15 14.22
C PRO A 53 -10.68 6.65 14.01
N PRO A 54 -10.59 5.86 15.10
CA PRO A 54 -10.82 4.42 15.04
C PRO A 54 -12.12 4.05 14.33
N ASP A 55 -12.08 2.94 13.59
CA ASP A 55 -13.24 2.42 12.85
C ASP A 55 -13.71 3.33 11.71
N THR A 56 -12.92 4.33 11.36
CA THR A 56 -13.23 5.15 10.18
C THR A 56 -12.29 4.77 9.05
N ALA A 57 -12.70 5.07 7.82
CA ALA A 57 -11.91 4.72 6.66
C ALA A 57 -12.23 5.59 5.46
N ALA A 58 -11.37 5.53 4.45
CA ALA A 58 -11.57 6.28 3.22
C ALA A 58 -11.21 5.43 2.01
N ARG A 59 -11.88 5.72 0.90
CA ARG A 59 -11.47 5.18 -0.40
C ARG A 59 -11.40 6.33 -1.37
N LEU A 60 -10.19 6.62 -1.84
CA LEU A 60 -9.93 7.82 -2.63
C LEU A 60 -9.42 7.48 -4.03
N GLY A 61 -9.70 8.34 -5.00
CA GLY A 61 -9.28 8.09 -6.37
C GLY A 61 -9.98 8.93 -7.43
N TRP A 62 -10.43 8.25 -8.49
CA TRP A 62 -11.05 8.93 -9.61
C TRP A 62 -12.41 8.33 -9.94
N SER A 63 -13.33 9.16 -10.39
CA SER A 63 -14.68 8.71 -10.69
C SER A 63 -15.26 9.38 -11.92
N GLN A 64 -15.96 8.60 -12.73
CA GLN A 64 -16.74 9.15 -13.83
C GLN A 64 -18.03 9.73 -13.25
N PRO A 65 -18.72 10.60 -14.02
CA PRO A 65 -19.97 11.21 -13.56
C PRO A 65 -21.02 10.21 -13.07
N LEU A 66 -21.08 9.03 -13.67
CA LEU A 66 -22.12 8.06 -13.34
C LEU A 66 -21.80 7.22 -12.10
N GLY A 67 -20.63 7.44 -11.50
CA GLY A 67 -20.27 6.74 -10.27
C GLY A 67 -21.28 6.99 -9.17
N ASN A 68 -21.69 5.91 -8.49
CA ASN A 68 -22.72 6.00 -7.47
C ASN A 68 -22.27 6.80 -6.25
N LEU A 69 -22.97 7.90 -5.98
CA LEU A 69 -22.64 8.77 -4.86
C LEU A 69 -22.97 8.14 -3.50
N GLN A 70 -23.91 7.21 -3.49
CA GLN A 70 -24.32 6.55 -2.26
C GLN A 70 -23.67 5.17 -2.15
N ALA A 71 -22.37 5.14 -2.36
CA ALA A 71 -21.60 3.90 -2.36
C ALA A 71 -20.12 4.25 -2.25
N PRO A 72 -19.29 3.29 -1.83
CA PRO A 72 -17.86 3.61 -1.79
C PRO A 72 -17.29 3.83 -3.19
N LEU A 73 -16.28 4.67 -3.28
CA LEU A 73 -15.53 4.80 -4.53
C LEU A 73 -14.96 3.44 -4.89
N GLY A 74 -15.09 3.06 -6.16
CA GLY A 74 -14.64 1.75 -6.60
C GLY A 74 -15.75 0.71 -6.61
N TYR A 75 -16.94 1.10 -6.16
CA TYR A 75 -18.08 0.20 -6.07
C TYR A 75 -18.49 -0.36 -7.43
N ASP A 76 -18.49 0.50 -8.45
CA ASP A 76 -18.95 0.10 -9.78
C ASP A 76 -17.84 0.26 -10.82
N LYS A 77 -18.20 0.24 -12.10
CA LYS A 77 -17.21 0.32 -13.17
C LYS A 77 -16.74 1.74 -13.42
N PHE A 78 -17.42 2.71 -12.83
CA PHE A 78 -17.16 4.11 -13.13
C PHE A 78 -16.09 4.75 -12.25
N SER A 79 -15.51 3.97 -11.34
CA SER A 79 -14.51 4.55 -10.43
C SER A 79 -13.42 3.57 -10.00
N TYR A 80 -12.28 4.14 -9.63
CA TYR A 80 -11.14 3.38 -9.11
C TYR A 80 -10.68 4.03 -7.81
N SER A 81 -10.53 3.23 -6.75
CA SER A 81 -10.23 3.80 -5.45
C SER A 81 -9.07 3.13 -4.72
N TRP A 82 -8.66 3.79 -3.64
CA TRP A 82 -7.55 3.33 -2.82
C TRP A 82 -7.98 3.40 -1.37
N ARG A 83 -8.06 2.25 -0.72
CA ARG A 83 -8.60 2.19 0.63
C ARG A 83 -7.54 2.45 1.71
N SER A 84 -7.89 3.28 2.68
CA SER A 84 -7.01 3.57 3.81
C SER A 84 -6.61 2.29 4.55
N LYS A 85 -7.60 1.43 4.79
CA LYS A 85 -7.36 0.15 5.44
C LYS A 85 -6.66 -0.82 4.51
N LYS A 86 -5.44 -1.22 4.90
CA LYS A 86 -4.67 -2.27 4.22
C LYS A 86 -4.11 -1.87 2.85
N GLY A 87 -4.38 -0.64 2.41
CA GLY A 87 -3.90 -0.18 1.12
C GLY A 87 -4.48 -0.92 -0.06
N THR A 88 -5.71 -1.41 0.10
CA THR A 88 -6.40 -2.15 -0.95
C THR A 88 -6.85 -1.22 -2.08
N LYS A 89 -6.80 -1.71 -3.31
CA LYS A 89 -7.36 -0.96 -4.44
C LYS A 89 -8.69 -1.59 -4.82
N PHE A 90 -9.67 -0.74 -5.13
CA PHE A 90 -11.01 -1.20 -5.44
C PHE A 90 -11.49 -0.72 -6.80
N HIS A 91 -12.12 -1.64 -7.53
CA HIS A 91 -12.76 -1.34 -8.80
C HIS A 91 -13.84 -2.39 -9.04
N GLN A 92 -15.06 -1.93 -9.32
CA GLN A 92 -16.22 -2.81 -9.47
C GLN A 92 -16.41 -3.70 -8.23
N SER A 93 -16.24 -3.08 -7.05
CA SER A 93 -16.40 -3.75 -5.76
C SER A 93 -15.43 -4.89 -5.52
N ILE A 94 -14.40 -4.95 -6.35
CA ILE A 94 -13.38 -5.97 -6.19
C ILE A 94 -12.12 -5.38 -5.59
N GLY A 95 -11.76 -5.88 -4.40
CA GLY A 95 -10.58 -5.40 -3.71
C GLY A 95 -9.37 -6.25 -4.03
N LYS A 96 -8.28 -5.61 -4.41
CA LYS A 96 -7.02 -6.30 -4.66
C LYS A 96 -5.91 -5.69 -3.81
N HIS A 97 -4.95 -6.51 -3.43
CA HIS A 97 -3.78 -6.02 -2.74
C HIS A 97 -3.03 -5.03 -3.63
N TYR A 98 -2.46 -4.00 -3.03
CA TYR A 98 -1.77 -2.96 -3.80
C TYR A 98 -0.57 -2.40 -3.04
N SER A 99 -0.85 -1.70 -1.95
CA SER A 99 0.20 -1.10 -1.15
C SER A 99 -0.11 -1.25 0.34
N SER A 100 0.75 -0.69 1.19
CA SER A 100 0.45 -0.62 2.61
C SER A 100 -0.67 0.38 2.84
N GLY A 101 -1.27 0.34 4.03
CA GLY A 101 -2.36 1.23 4.34
C GLY A 101 -1.90 2.66 4.55
N TYR A 102 -2.85 3.58 4.65
CA TYR A 102 -2.54 4.95 5.02
C TYR A 102 -3.54 5.42 6.07
N GLY A 103 -3.19 6.49 6.77
CA GLY A 103 -4.03 6.99 7.85
C GLY A 103 -3.77 8.45 8.16
N GLN A 104 -4.08 8.86 9.38
CA GLN A 104 -3.99 10.25 9.79
C GLN A 104 -2.59 10.83 9.58
N GLY A 105 -2.53 11.98 8.92
CA GLY A 105 -1.27 12.68 8.69
C GLY A 105 -0.62 12.37 7.35
N ASP A 106 -1.04 11.28 6.72
CA ASP A 106 -0.49 10.89 5.43
C ASP A 106 -0.93 11.84 4.32
N VAL A 107 -0.01 12.13 3.41
CA VAL A 107 -0.30 12.97 2.25
C VAL A 107 -0.34 12.11 0.99
N LEU A 108 -1.54 11.89 0.45
CA LEU A 108 -1.70 10.98 -0.68
C LEU A 108 -1.71 11.73 -2.00
N GLY A 109 -1.08 11.13 -3.01
CA GLY A 109 -1.04 11.69 -4.34
C GLY A 109 -1.84 10.87 -5.33
N PHE A 110 -2.44 11.55 -6.31
CA PHE A 110 -3.33 10.88 -7.25
C PHE A 110 -3.02 11.29 -8.67
N TYR A 111 -2.47 10.34 -9.42
CA TYR A 111 -2.04 10.57 -10.79
C TYR A 111 -2.93 9.79 -11.75
N ILE A 112 -3.30 10.43 -12.85
CA ILE A 112 -3.99 9.74 -13.92
C ILE A 112 -3.39 10.16 -15.25
N ASN A 113 -3.31 9.22 -16.18
CA ASN A 113 -2.78 9.48 -17.50
C ASN A 113 -3.75 8.99 -18.56
N LEU A 114 -4.23 9.90 -19.40
CA LEU A 114 -5.23 9.56 -20.41
C LEU A 114 -4.76 9.96 -21.81
N PRO A 115 -4.00 9.06 -22.46
CA PRO A 115 -3.43 9.28 -23.80
C PRO A 115 -4.49 9.49 -24.88
N GLU A 116 -4.07 10.00 -26.04
CA GLU A 116 -4.99 10.24 -27.15
C GLU A 116 -5.12 9.02 -28.04
N ASP A 117 -4.19 8.08 -27.90
CA ASP A 117 -4.17 6.83 -28.66
C ASP A 117 -4.16 7.08 -30.17
N SER A 124 -3.45 3.23 -23.55
CA SER A 124 -2.24 3.16 -22.76
C SER A 124 -2.38 3.97 -21.46
N SER A 125 -3.60 4.04 -20.96
CA SER A 125 -3.91 4.84 -19.77
C SER A 125 -3.46 4.15 -18.49
N GLU A 126 -3.35 4.93 -17.41
CA GLU A 126 -2.97 4.37 -16.12
C GLU A 126 -3.36 5.26 -14.94
N ILE A 127 -3.56 4.62 -13.80
CA ILE A 127 -3.81 5.31 -12.54
C ILE A 127 -2.72 4.94 -11.55
N ILE A 128 -2.09 5.96 -10.95
CA ILE A 128 -0.98 5.74 -10.02
C ILE A 128 -1.22 6.51 -8.73
N PHE A 129 -0.99 5.83 -7.60
CA PHE A 129 -1.16 6.47 -6.30
C PHE A 129 0.20 6.75 -5.64
N TYR A 130 0.26 7.81 -4.85
CA TYR A 130 1.48 8.18 -4.13
C TYR A 130 1.23 8.29 -2.63
N LYS A 131 2.19 7.86 -1.84
CA LYS A 131 2.11 8.04 -0.40
C LYS A 131 3.32 8.80 0.12
N ASN A 132 3.09 10.04 0.54
CA ASN A 132 4.15 10.91 1.04
C ASN A 132 5.29 11.06 0.04
N GLY A 133 4.93 11.20 -1.22
CA GLY A 133 5.91 11.42 -2.28
C GLY A 133 6.49 10.14 -2.87
N VAL A 134 6.05 8.99 -2.36
CA VAL A 134 6.56 7.72 -2.85
C VAL A 134 5.58 7.05 -3.80
N ASN A 135 6.04 6.76 -5.01
CA ASN A 135 5.24 6.06 -6.01
C ASN A 135 4.88 4.66 -5.53
N GLN A 136 3.59 4.39 -5.40
CA GLN A 136 3.11 3.10 -4.91
C GLN A 136 2.88 2.11 -6.05
N GLY A 137 3.17 2.54 -7.27
CA GLY A 137 3.04 1.68 -8.43
C GLY A 137 1.74 1.86 -9.18
N VAL A 138 1.72 1.44 -10.45
CA VAL A 138 0.53 1.49 -11.27
C VAL A 138 -0.57 0.60 -10.69
N ALA A 139 -1.68 1.23 -10.32
CA ALA A 139 -2.79 0.50 -9.71
C ALA A 139 -3.70 -0.09 -10.78
N TYR A 140 -3.97 0.69 -11.82
CA TYR A 140 -4.78 0.22 -12.94
C TYR A 140 -4.24 0.75 -14.26
N LYS A 141 -4.35 -0.06 -15.30
CA LYS A 141 -3.95 0.36 -16.64
C LYS A 141 -5.07 0.06 -17.62
N ASP A 142 -5.09 0.78 -18.75
CA ASP A 142 -6.10 0.62 -19.77
C ASP A 142 -7.51 0.74 -19.19
N ILE A 143 -7.74 1.81 -18.45
CA ILE A 143 -9.02 2.04 -17.80
C ILE A 143 -10.09 2.42 -18.82
N PHE A 144 -11.34 2.49 -18.36
CA PHE A 144 -12.45 2.86 -19.25
C PHE A 144 -12.27 4.28 -19.78
N GLU A 145 -12.56 4.46 -21.05
CA GLU A 145 -12.53 5.79 -21.66
C GLU A 145 -13.66 6.62 -21.06
N GLY A 146 -13.36 7.88 -20.72
CA GLY A 146 -14.37 8.77 -20.18
C GLY A 146 -13.78 9.98 -19.50
N VAL A 147 -14.65 10.73 -18.81
CA VAL A 147 -14.22 11.90 -18.07
C VAL A 147 -14.08 11.55 -16.60
N TYR A 148 -12.88 11.76 -16.06
CA TYR A 148 -12.63 11.37 -14.68
C TYR A 148 -12.51 12.57 -13.75
N PHE A 149 -13.16 12.45 -12.60
CA PHE A 149 -13.17 13.50 -11.59
C PHE A 149 -12.43 13.01 -10.36
N PRO A 150 -11.60 13.89 -9.76
CA PRO A 150 -11.09 13.58 -8.42
C PRO A 150 -12.26 13.27 -7.51
N ALA A 151 -12.14 12.21 -6.73
CA ALA A 151 -13.29 11.73 -5.96
C ALA A 151 -12.90 11.24 -4.57
N ILE A 152 -13.73 11.60 -3.59
CA ILE A 152 -13.52 11.22 -2.20
C ILE A 152 -14.73 10.46 -1.67
N SER A 153 -14.49 9.27 -1.12
CA SER A 153 -15.54 8.54 -0.41
C SER A 153 -15.07 8.26 1.01
N LEU A 154 -15.97 8.47 1.97
CA LEU A 154 -15.59 8.36 3.37
C LEU A 154 -16.53 7.41 4.13
N TYR A 155 -15.94 6.65 5.05
CA TYR A 155 -16.71 5.78 5.92
C TYR A 155 -16.65 6.31 7.35
N LYS A 156 -17.81 6.69 7.87
CA LYS A 156 -17.95 7.33 9.17
C LYS A 156 -17.16 8.64 9.26
N SER A 157 -17.00 9.15 10.47
CA SER A 157 -16.56 10.52 10.68
C SER A 157 -15.06 10.73 10.63
N CYS A 158 -14.45 10.49 9.47
CA CYS A 158 -13.07 10.88 9.26
C CYS A 158 -13.03 12.14 8.41
N THR A 159 -11.90 12.84 8.44
CA THR A 159 -11.78 14.15 7.82
C THR A 159 -10.56 14.22 6.89
N VAL A 160 -10.80 14.55 5.63
CA VAL A 160 -9.71 14.73 4.67
C VAL A 160 -9.81 16.09 3.98
N SER A 161 -8.67 16.56 3.46
CA SER A 161 -8.61 17.81 2.75
C SER A 161 -7.93 17.61 1.40
N ILE A 162 -8.50 18.21 0.36
CA ILE A 162 -8.00 18.01 -0.98
C ILE A 162 -7.26 19.25 -1.51
N ASN A 163 -6.21 19.02 -2.29
CA ASN A 163 -5.42 20.08 -2.88
C ASN A 163 -5.24 19.83 -4.38
N PHE A 164 -5.84 20.70 -5.19
CA PHE A 164 -5.82 20.51 -6.64
C PHE A 164 -4.60 21.14 -7.29
N GLY A 165 -3.82 21.87 -6.50
CA GLY A 165 -2.63 22.52 -7.00
C GLY A 165 -2.76 24.02 -7.03
N PRO A 166 -1.80 24.71 -7.66
CA PRO A 166 -0.66 24.11 -8.36
C PRO A 166 0.50 23.71 -7.45
N CYS A 167 0.50 24.18 -6.20
CA CYS A 167 1.58 23.85 -5.27
C CYS A 167 1.22 22.65 -4.39
N PHE A 168 1.98 21.57 -4.54
CA PHE A 168 1.75 20.36 -3.76
C PHE A 168 2.81 20.18 -2.68
N LYS A 169 2.47 19.41 -1.65
CA LYS A 169 3.41 19.09 -0.59
C LYS A 169 4.48 18.14 -1.09
N TYR A 170 4.06 17.12 -1.85
CA TYR A 170 4.98 16.16 -2.42
C TYR A 170 4.82 16.07 -3.93
N PRO A 171 5.32 17.08 -4.66
CA PRO A 171 5.25 17.00 -6.11
C PRO A 171 6.11 15.87 -6.63
N PRO A 172 5.53 14.99 -7.46
CA PRO A 172 6.24 13.84 -8.05
C PRO A 172 7.51 14.25 -8.76
N LYS A 173 8.53 13.39 -8.69
CA LYS A 173 9.81 13.69 -9.32
C LYS A 173 10.14 12.68 -10.42
N ASP A 174 9.27 11.71 -10.62
CA ASP A 174 9.54 10.60 -11.53
C ASP A 174 8.69 10.64 -12.81
N LEU A 175 7.77 11.60 -12.89
CA LEU A 175 6.92 11.76 -14.07
C LEU A 175 6.36 13.16 -14.23
N THR A 176 5.88 13.46 -15.43
CA THR A 176 5.30 14.78 -15.70
C THR A 176 3.78 14.75 -15.56
N TYR A 177 3.22 15.91 -15.22
CA TYR A 177 1.78 16.02 -14.96
C TYR A 177 1.34 17.48 -15.04
N ARG A 178 0.04 17.69 -15.04
CA ARG A 178 -0.52 19.02 -14.80
C ARG A 178 -1.38 18.96 -13.56
N PRO A 179 -1.32 20.01 -12.73
CA PRO A 179 -2.19 20.08 -11.55
C PRO A 179 -3.65 20.19 -11.97
N MET A 180 -4.55 19.57 -11.21
CA MET A 180 -5.98 19.64 -11.49
C MET A 180 -6.47 21.09 -11.51
N SER A 181 -5.76 21.96 -10.80
CA SER A 181 -6.14 23.36 -10.67
C SER A 181 -6.16 24.09 -12.01
N ASP A 182 -5.43 23.57 -12.99
CA ASP A 182 -5.36 24.19 -14.31
C ASP A 182 -6.70 24.16 -15.07
N MET A 183 -7.61 23.29 -14.63
CA MET A 183 -8.92 23.17 -15.30
C MET A 183 -9.86 24.30 -14.91
N SER B 1 7.47 -25.76 21.55
CA SER B 1 8.41 -24.66 21.36
C SER B 1 7.72 -23.44 20.76
N ARG B 2 8.40 -22.31 20.78
CA ARG B 2 7.88 -21.07 20.24
C ARG B 2 8.82 -20.52 19.17
N VAL B 3 8.32 -20.37 17.96
CA VAL B 3 9.12 -19.86 16.84
C VAL B 3 9.41 -18.38 17.05
N LEU B 4 10.68 -18.07 17.34
CA LEU B 4 11.10 -16.71 17.62
C LEU B 4 12.40 -16.39 16.91
N LEU B 5 12.87 -15.16 17.07
CA LEU B 5 14.23 -14.83 16.66
C LEU B 5 15.19 -15.55 17.60
N ALA B 6 16.25 -16.13 17.03
CA ALA B 6 17.18 -16.95 17.81
C ALA B 6 17.78 -16.20 18.98
N LEU B 7 18.05 -16.92 20.06
CA LEU B 7 18.63 -16.33 21.26
C LEU B 7 20.13 -16.15 21.10
N HIS B 8 20.79 -17.10 20.46
CA HIS B 8 22.24 -17.08 20.33
C HIS B 8 22.70 -17.01 18.87
N ASP B 9 21.90 -17.57 17.98
CA ASP B 9 22.24 -17.57 16.56
C ASP B 9 21.95 -16.19 15.96
N ARG B 10 22.75 -15.21 16.35
CA ARG B 10 22.53 -13.83 15.96
C ARG B 10 23.78 -13.00 16.16
N ALA B 11 23.88 -11.89 15.44
CA ALA B 11 24.97 -10.95 15.63
C ALA B 11 24.75 -10.19 16.93
N PRO B 12 25.80 -10.09 17.76
CA PRO B 12 25.69 -9.46 19.08
C PRO B 12 25.31 -7.98 19.04
N GLN B 13 25.69 -7.27 17.98
CA GLN B 13 25.42 -5.83 17.92
C GLN B 13 23.95 -5.55 17.64
N LEU B 14 23.22 -6.55 17.17
CA LEU B 14 21.78 -6.40 16.94
C LEU B 14 21.03 -6.29 18.26
N LYS B 15 20.09 -5.34 18.32
CA LYS B 15 19.25 -5.18 19.50
C LYS B 15 17.92 -5.88 19.28
N ILE B 16 17.68 -6.93 20.06
CA ILE B 16 16.46 -7.71 19.93
C ILE B 16 15.53 -7.47 21.12
N SER B 17 14.26 -7.22 20.83
CA SER B 17 13.26 -6.99 21.86
C SER B 17 13.07 -8.22 22.73
N ASP B 18 12.45 -8.04 23.89
CA ASP B 18 12.26 -9.12 24.84
C ASP B 18 11.25 -10.15 24.32
N ASP B 19 10.40 -9.74 23.39
CA ASP B 19 9.50 -10.66 22.73
C ASP B 19 10.24 -11.55 21.75
N ARG B 20 11.41 -11.09 21.32
CA ARG B 20 12.23 -11.72 20.29
C ARG B 20 11.48 -11.82 18.95
N LEU B 21 10.79 -10.74 18.59
CA LEU B 21 10.10 -10.63 17.32
C LEU B 21 10.39 -9.28 16.66
N THR B 22 11.14 -8.43 17.37
CA THR B 22 11.54 -7.12 16.85
C THR B 22 13.04 -6.93 16.99
N VAL B 23 13.69 -6.47 15.93
CA VAL B 23 15.13 -6.28 15.96
C VAL B 23 15.53 -4.92 15.38
N VAL B 24 16.48 -4.26 16.03
CA VAL B 24 17.00 -2.98 15.56
C VAL B 24 18.44 -3.12 15.07
N GLY B 25 18.74 -2.56 13.91
CA GLY B 25 20.06 -2.68 13.32
C GLY B 25 21.11 -1.81 13.96
N GLU B 26 22.37 -2.11 13.65
CA GLU B 26 23.50 -1.37 14.22
C GLU B 26 24.67 -1.34 13.23
N LYS B 27 24.95 -0.15 12.70
CA LYS B 27 26.00 0.07 11.71
C LYS B 27 25.93 -0.92 10.55
N GLY B 28 27.08 -1.50 10.20
CA GLY B 28 27.17 -2.38 9.05
C GLY B 28 26.24 -3.59 9.13
N TYR B 29 25.92 -4.15 7.96
CA TYR B 29 25.02 -5.29 7.85
C TYR B 29 25.37 -6.43 8.81
N SER B 30 24.38 -6.86 9.59
CA SER B 30 24.53 -7.99 10.49
C SER B 30 23.22 -8.76 10.52
N MET B 31 23.30 -10.06 10.83
CA MET B 31 22.16 -10.95 10.62
C MET B 31 21.66 -11.64 11.89
N VAL B 32 20.36 -11.91 11.92
CA VAL B 32 19.76 -12.76 12.94
C VAL B 32 18.85 -13.78 12.25
N ARG B 33 18.90 -15.03 12.71
CA ARG B 33 18.04 -16.06 12.16
C ARG B 33 16.92 -16.42 13.13
N ALA B 34 15.90 -17.10 12.64
CA ALA B 34 14.83 -17.61 13.49
C ALA B 34 15.29 -18.87 14.22
N SER B 35 14.49 -19.33 15.17
CA SER B 35 14.82 -20.48 15.99
C SER B 35 14.52 -21.82 15.30
N HIS B 36 13.66 -21.80 14.29
CA HIS B 36 13.26 -23.02 13.60
C HIS B 36 13.47 -22.91 12.10
N GLY B 37 13.87 -24.03 11.49
CA GLY B 37 14.11 -24.07 10.06
C GLY B 37 13.25 -25.09 9.34
N VAL B 38 13.25 -25.03 8.02
CA VAL B 38 12.44 -25.96 7.22
C VAL B 38 13.29 -26.63 6.13
N ARG B 39 12.98 -27.89 5.86
CA ARG B 39 13.73 -28.65 4.86
C ARG B 39 12.82 -29.21 3.77
N LYS B 40 11.54 -29.42 4.13
CA LYS B 40 10.58 -29.95 3.17
C LYS B 40 9.24 -29.21 3.28
N GLY B 41 8.60 -28.97 2.13
CA GLY B 41 7.30 -28.35 2.10
C GLY B 41 7.33 -26.87 1.77
N ALA B 42 6.14 -26.25 1.74
CA ALA B 42 6.03 -24.82 1.47
C ALA B 42 5.70 -24.06 2.74
N TRP B 43 6.47 -23.02 3.03
CA TRP B 43 6.34 -22.28 4.28
C TRP B 43 6.31 -20.78 4.05
N TYR B 44 5.81 -20.04 5.04
CA TYR B 44 5.55 -18.62 4.87
C TYR B 44 5.66 -17.84 6.17
N PHE B 45 6.19 -16.63 6.09
CA PHE B 45 6.20 -15.72 7.23
C PHE B 45 6.20 -14.27 6.75
N GLU B 46 5.91 -13.35 7.66
CA GLU B 46 5.83 -11.93 7.33
C GLU B 46 6.82 -11.09 8.13
N ILE B 47 7.21 -9.96 7.56
CA ILE B 47 8.05 -8.98 8.26
C ILE B 47 7.48 -7.58 8.05
N THR B 48 7.36 -6.83 9.14
CA THR B 48 6.88 -5.46 9.06
C THR B 48 8.01 -4.47 9.32
N VAL B 49 8.19 -3.51 8.41
CA VAL B 49 9.19 -2.47 8.60
C VAL B 49 8.62 -1.36 9.46
N ASP B 50 8.99 -1.35 10.74
CA ASP B 50 8.46 -0.40 11.70
C ASP B 50 9.05 0.98 11.52
N GLU B 51 10.36 1.06 11.35
CA GLU B 51 11.01 2.33 11.12
C GLU B 51 12.23 2.14 10.24
N MET B 52 12.31 2.93 9.17
CA MET B 52 13.45 2.87 8.26
C MET B 52 13.81 4.26 7.75
N PRO B 53 14.60 5.00 8.54
CA PRO B 53 15.06 6.34 8.18
C PRO B 53 15.93 6.33 6.92
N PRO B 54 16.18 7.50 6.32
CA PRO B 54 17.08 7.56 5.17
C PRO B 54 18.45 6.97 5.51
N ASP B 55 19.11 6.42 4.50
CA ASP B 55 20.45 5.82 4.63
C ASP B 55 20.45 4.57 5.53
N THR B 56 19.28 3.99 5.75
CA THR B 56 19.20 2.67 6.39
C THR B 56 18.52 1.69 5.43
N ALA B 57 18.85 0.41 5.58
CA ALA B 57 18.36 -0.59 4.63
C ALA B 57 18.22 -1.96 5.29
N ALA B 58 17.51 -2.85 4.60
CA ALA B 58 17.29 -4.19 5.10
C ALA B 58 17.44 -5.20 3.96
N ARG B 59 17.93 -6.39 4.29
CA ARG B 59 17.92 -7.50 3.35
C ARG B 59 17.32 -8.70 4.06
N LEU B 60 16.16 -9.12 3.59
CA LEU B 60 15.36 -10.13 4.29
C LEU B 60 15.13 -11.34 3.41
N GLY B 61 14.89 -12.50 4.04
CA GLY B 61 14.66 -13.72 3.30
C GLY B 61 15.01 -14.97 4.08
N TRP B 62 15.67 -15.91 3.41
CA TRP B 62 15.97 -17.21 4.00
C TRP B 62 17.48 -17.47 4.05
N SER B 63 17.90 -18.25 5.04
CA SER B 63 19.31 -18.56 5.21
C SER B 63 19.53 -19.95 5.80
N GLN B 64 20.57 -20.62 5.35
CA GLN B 64 21.00 -21.87 5.95
C GLN B 64 21.79 -21.55 7.21
N PRO B 65 21.92 -22.52 8.13
CA PRO B 65 22.67 -22.32 9.38
C PRO B 65 24.08 -21.77 9.19
N LEU B 66 24.69 -22.04 8.04
CA LEU B 66 26.06 -21.63 7.79
C LEU B 66 26.15 -20.21 7.21
N GLY B 67 25.03 -19.48 7.24
CA GLY B 67 25.02 -18.11 6.77
C GLY B 67 25.79 -17.18 7.69
N ASN B 68 26.70 -16.41 7.11
CA ASN B 68 27.53 -15.49 7.89
C ASN B 68 26.71 -14.41 8.58
N LEU B 69 26.83 -14.34 9.90
CA LEU B 69 26.04 -13.41 10.71
C LEU B 69 26.60 -11.99 10.68
N GLN B 70 27.88 -11.86 10.35
CA GLN B 70 28.52 -10.55 10.27
C GLN B 70 28.58 -10.07 8.83
N ALA B 71 27.49 -10.31 8.10
CA ALA B 71 27.41 -9.98 6.69
C ALA B 71 25.95 -9.83 6.30
N PRO B 72 25.66 -9.13 5.19
CA PRO B 72 24.26 -9.00 4.76
C PRO B 72 23.70 -10.33 4.30
N LEU B 73 22.39 -10.51 4.42
CA LEU B 73 21.74 -11.71 3.92
C LEU B 73 21.94 -11.78 2.40
N GLY B 74 22.23 -12.97 1.90
CA GLY B 74 22.51 -13.15 0.48
C GLY B 74 23.99 -12.96 0.15
N TYR B 75 24.81 -12.85 1.18
CA TYR B 75 26.26 -12.67 1.02
C TYR B 75 26.92 -13.90 0.43
N ASP B 76 26.69 -15.04 1.06
CA ASP B 76 27.29 -16.29 0.62
C ASP B 76 26.28 -17.11 -0.17
N LYS B 77 26.60 -18.39 -0.39
CA LYS B 77 25.71 -19.28 -1.13
C LYS B 77 24.68 -19.91 -0.19
N PHE B 78 24.71 -19.50 1.08
CA PHE B 78 23.85 -20.10 2.09
C PHE B 78 22.59 -19.28 2.35
N SER B 79 22.35 -18.25 1.55
CA SER B 79 21.20 -17.39 1.78
C SER B 79 20.69 -16.66 0.54
N TYR B 80 19.42 -16.26 0.58
CA TYR B 80 18.80 -15.50 -0.49
C TYR B 80 18.02 -14.35 0.15
N SER B 81 18.26 -13.13 -0.33
CA SER B 81 17.67 -11.97 0.32
C SER B 81 16.96 -11.02 -0.64
N TRP B 82 16.21 -10.10 -0.04
CA TRP B 82 15.44 -9.10 -0.76
C TRP B 82 15.72 -7.73 -0.14
N ARG B 83 16.33 -6.83 -0.91
CA ARG B 83 16.79 -5.55 -0.36
C ARG B 83 15.73 -4.47 -0.45
N SER B 84 15.58 -3.71 0.63
CA SER B 84 14.66 -2.58 0.68
C SER B 84 14.98 -1.58 -0.42
N LYS B 85 16.28 -1.29 -0.57
CA LYS B 85 16.74 -0.37 -1.61
C LYS B 85 16.59 -0.99 -3.00
N LYS B 86 15.72 -0.38 -3.81
CA LYS B 86 15.52 -0.75 -5.21
C LYS B 86 14.89 -2.12 -5.43
N GLY B 87 14.57 -2.83 -4.34
CA GLY B 87 13.95 -4.14 -4.45
C GLY B 87 14.84 -5.18 -5.11
N THR B 88 16.15 -5.00 -4.98
CA THR B 88 17.12 -5.91 -5.55
C THR B 88 17.13 -7.25 -4.80
N LYS B 89 17.37 -8.34 -5.52
CA LYS B 89 17.53 -9.65 -4.89
C LYS B 89 19.01 -10.05 -4.86
N PHE B 90 19.45 -10.58 -3.73
CA PHE B 90 20.86 -10.90 -3.53
C PHE B 90 21.10 -12.37 -3.21
N HIS B 91 22.15 -12.91 -3.82
CA HIS B 91 22.59 -14.28 -3.57
C HIS B 91 24.04 -14.39 -4.01
N GLN B 92 24.91 -14.83 -3.10
CA GLN B 92 26.35 -14.84 -3.32
C GLN B 92 26.85 -13.45 -3.68
N SER B 93 26.29 -12.43 -3.02
CA SER B 93 26.69 -11.04 -3.19
C SER B 93 26.45 -10.51 -4.60
N ILE B 94 25.60 -11.21 -5.35
CA ILE B 94 25.23 -10.73 -6.68
C ILE B 94 23.81 -10.19 -6.66
N GLY B 95 23.67 -8.90 -6.92
CA GLY B 95 22.37 -8.25 -6.92
C GLY B 95 21.74 -8.21 -8.29
N LYS B 96 20.55 -8.79 -8.41
CA LYS B 96 19.84 -8.81 -9.68
C LYS B 96 18.51 -8.07 -9.58
N HIS B 97 18.08 -7.48 -10.70
CA HIS B 97 16.80 -6.79 -10.74
C HIS B 97 15.67 -7.76 -10.43
N TYR B 98 14.78 -7.36 -9.53
CA TYR B 98 13.68 -8.23 -9.12
C TYR B 98 12.36 -7.47 -9.04
N SER B 99 12.24 -6.61 -8.04
CA SER B 99 11.02 -5.82 -7.84
C SER B 99 11.37 -4.37 -7.57
N SER B 100 10.36 -3.56 -7.27
CA SER B 100 10.59 -2.22 -6.77
C SER B 100 10.92 -2.30 -5.29
N GLY B 101 11.43 -1.22 -4.73
CA GLY B 101 11.86 -1.22 -3.34
C GLY B 101 10.72 -1.16 -2.34
N TYR B 102 11.03 -1.49 -1.09
CA TYR B 102 10.07 -1.36 0.00
C TYR B 102 10.67 -0.52 1.12
N GLY B 103 9.83 -0.04 2.02
CA GLY B 103 10.29 0.84 3.08
C GLY B 103 9.41 0.78 4.31
N GLN B 104 9.49 1.84 5.11
CA GLN B 104 8.73 1.93 6.35
C GLN B 104 7.24 1.76 6.11
N GLY B 105 6.62 0.90 6.91
CA GLY B 105 5.19 0.66 6.81
C GLY B 105 4.83 -0.53 5.94
N ASP B 106 5.80 -1.02 5.17
CA ASP B 106 5.53 -2.13 4.27
C ASP B 106 5.56 -3.46 5.03
N VAL B 107 4.61 -4.33 4.71
CA VAL B 107 4.56 -5.67 5.28
C VAL B 107 4.98 -6.69 4.23
N LEU B 108 6.19 -7.23 4.39
CA LEU B 108 6.75 -8.13 3.39
C LEU B 108 6.41 -9.58 3.69
N GLY B 109 6.17 -10.35 2.64
CA GLY B 109 5.86 -11.76 2.78
C GLY B 109 6.95 -12.63 2.19
N PHE B 110 7.13 -13.80 2.76
CA PHE B 110 8.24 -14.67 2.38
C PHE B 110 7.81 -16.11 2.20
N TYR B 111 7.78 -16.55 0.94
CA TYR B 111 7.37 -17.91 0.60
C TYR B 111 8.57 -18.74 0.17
N ILE B 112 8.72 -19.91 0.78
CA ILE B 112 9.71 -20.87 0.33
C ILE B 112 9.01 -22.19 0.01
N ASN B 113 9.50 -22.89 -1.01
CA ASN B 113 8.92 -24.17 -1.39
C ASN B 113 10.02 -25.20 -1.59
N LEU B 114 10.02 -26.22 -0.75
CA LEU B 114 11.02 -27.28 -0.85
C LEU B 114 10.35 -28.64 -1.06
N PRO B 115 9.87 -28.89 -2.30
CA PRO B 115 9.16 -30.13 -2.61
C PRO B 115 10.09 -31.33 -2.69
N GLU B 116 9.55 -32.52 -2.44
CA GLU B 116 10.31 -33.75 -2.59
C GLU B 116 10.09 -34.29 -4.01
N ASP B 117 10.13 -35.61 -4.18
CA ASP B 117 10.06 -36.17 -5.52
C ASP B 117 8.94 -37.21 -5.68
N THR B 118 8.35 -37.22 -6.87
CA THR B 118 7.30 -38.17 -7.20
C THR B 118 7.62 -38.89 -8.51
N SER B 124 10.41 -28.90 -8.16
CA SER B 124 11.58 -28.04 -8.01
C SER B 124 11.33 -26.95 -6.96
N SER B 125 12.40 -26.53 -6.29
CA SER B 125 12.30 -25.54 -5.23
C SER B 125 12.23 -24.12 -5.78
N GLU B 126 11.62 -23.22 -5.00
CA GLU B 126 11.50 -21.83 -5.42
C GLU B 126 11.33 -20.89 -4.23
N ILE B 127 11.82 -19.66 -4.38
CA ILE B 127 11.65 -18.62 -3.36
C ILE B 127 10.87 -17.44 -3.93
N ILE B 128 9.80 -17.08 -3.22
CA ILE B 128 8.90 -16.02 -3.68
C ILE B 128 8.68 -14.98 -2.60
N PHE B 129 8.79 -13.71 -2.98
CA PHE B 129 8.57 -12.61 -2.05
C PHE B 129 7.22 -11.91 -2.30
N TYR B 130 6.63 -11.38 -1.24
CA TYR B 130 5.38 -10.62 -1.33
C TYR B 130 5.55 -9.23 -0.77
N LYS B 131 4.96 -8.24 -1.44
CA LYS B 131 4.97 -6.88 -0.92
C LYS B 131 3.54 -6.38 -0.70
N ASN B 132 3.16 -6.29 0.57
CA ASN B 132 1.82 -5.85 0.95
C ASN B 132 0.74 -6.67 0.26
N GLY B 133 0.96 -7.97 0.19
CA GLY B 133 -0.03 -8.88 -0.36
C GLY B 133 0.16 -9.20 -1.83
N VAL B 134 1.00 -8.42 -2.51
CA VAL B 134 1.22 -8.61 -3.93
C VAL B 134 2.42 -9.51 -4.21
N ASN B 135 2.18 -10.55 -5.01
CA ASN B 135 3.21 -11.48 -5.45
C ASN B 135 4.25 -10.77 -6.33
N GLN B 136 5.52 -10.80 -5.91
CA GLN B 136 6.55 -10.10 -6.65
C GLN B 136 7.24 -10.99 -7.68
N GLY B 137 6.76 -12.21 -7.83
CA GLY B 137 7.31 -13.15 -8.80
C GLY B 137 8.30 -14.10 -8.17
N VAL B 138 8.70 -15.12 -8.92
CA VAL B 138 9.70 -16.06 -8.44
C VAL B 138 11.08 -15.42 -8.45
N ALA B 139 11.73 -15.35 -7.30
CA ALA B 139 13.04 -14.72 -7.19
C ALA B 139 14.15 -15.70 -7.48
N TYR B 140 14.13 -16.85 -6.81
CA TYR B 140 15.13 -17.88 -7.02
C TYR B 140 14.49 -19.25 -7.19
N LYS B 141 14.96 -20.01 -8.17
CA LYS B 141 14.45 -21.34 -8.46
C LYS B 141 15.61 -22.34 -8.42
N ASP B 142 15.33 -23.56 -7.98
CA ASP B 142 16.32 -24.63 -7.88
C ASP B 142 17.46 -24.24 -6.95
N ILE B 143 17.10 -23.90 -5.71
CA ILE B 143 18.06 -23.47 -4.72
C ILE B 143 18.78 -24.67 -4.12
N PHE B 144 19.87 -24.38 -3.41
CA PHE B 144 20.64 -25.42 -2.73
C PHE B 144 19.79 -26.19 -1.74
N GLU B 145 20.02 -27.50 -1.67
CA GLU B 145 19.27 -28.34 -0.75
C GLU B 145 19.83 -28.23 0.66
N GLY B 146 18.95 -28.14 1.64
CA GLY B 146 19.34 -28.00 3.03
C GLY B 146 18.26 -27.36 3.86
N VAL B 147 18.56 -27.08 5.12
CA VAL B 147 17.60 -26.44 6.01
C VAL B 147 17.64 -24.93 5.87
N TYR B 148 16.47 -24.30 5.76
CA TYR B 148 16.41 -22.86 5.60
C TYR B 148 15.69 -22.18 6.76
N PHE B 149 16.29 -21.09 7.25
CA PHE B 149 15.75 -20.34 8.37
C PHE B 149 15.30 -18.95 7.92
N PRO B 150 14.17 -18.47 8.46
CA PRO B 150 13.81 -17.07 8.30
C PRO B 150 14.96 -16.20 8.82
N ALA B 151 15.38 -15.21 8.04
CA ALA B 151 16.55 -14.44 8.41
C ALA B 151 16.37 -12.96 8.13
N ILE B 152 16.98 -12.15 8.98
CA ILE B 152 16.92 -10.69 8.89
C ILE B 152 18.32 -10.09 8.98
N SER B 153 18.68 -9.28 7.99
CA SER B 153 19.91 -8.51 8.06
C SER B 153 19.58 -7.04 7.90
N LEU B 154 20.20 -6.20 8.74
CA LEU B 154 19.88 -4.79 8.75
C LEU B 154 21.12 -3.92 8.61
N TYR B 155 20.97 -2.82 7.87
CA TYR B 155 22.02 -1.84 7.73
C TYR B 155 21.64 -0.59 8.51
N LYS B 156 22.46 -0.24 9.50
CA LYS B 156 22.20 0.89 10.40
C LYS B 156 20.88 0.73 11.15
N SER B 157 20.51 1.76 11.90
CA SER B 157 19.45 1.63 12.90
C SER B 157 18.04 1.74 12.32
N CYS B 158 17.64 0.74 11.55
CA CYS B 158 16.24 0.59 11.17
C CYS B 158 15.61 -0.46 12.08
N THR B 159 14.29 -0.56 12.04
CA THR B 159 13.58 -1.47 12.94
C THR B 159 12.56 -2.32 12.17
N VAL B 160 12.62 -3.63 12.36
CA VAL B 160 11.65 -4.52 11.74
C VAL B 160 11.07 -5.50 12.76
N SER B 161 9.84 -5.93 12.50
CA SER B 161 9.16 -6.89 13.34
C SER B 161 8.76 -8.10 12.51
N ILE B 162 8.94 -9.30 13.05
CA ILE B 162 8.68 -10.51 12.28
C ILE B 162 7.44 -11.23 12.80
N ASN B 163 6.69 -11.82 11.89
CA ASN B 163 5.48 -12.56 12.22
C ASN B 163 5.51 -13.95 11.58
N PHE B 164 5.62 -14.99 12.41
CA PHE B 164 5.70 -16.35 11.91
C PHE B 164 4.33 -16.96 11.69
N GLY B 165 3.29 -16.25 12.11
CA GLY B 165 1.93 -16.73 11.92
C GLY B 165 1.28 -17.18 13.23
N PRO B 166 0.16 -17.90 13.14
CA PRO B 166 -0.48 -18.33 11.90
C PRO B 166 -1.38 -17.27 11.25
N CYS B 167 -1.57 -16.14 11.91
CA CYS B 167 -2.41 -15.07 11.38
C CYS B 167 -1.59 -13.96 10.74
N PHE B 168 -1.65 -13.86 9.41
CA PHE B 168 -0.90 -12.85 8.67
C PHE B 168 -1.80 -11.68 8.26
N LYS B 169 -1.19 -10.54 7.97
CA LYS B 169 -1.94 -9.37 7.55
C LYS B 169 -2.33 -9.51 6.09
N TYR B 170 -1.44 -10.09 5.29
CA TYR B 170 -1.74 -10.39 3.90
C TYR B 170 -1.52 -11.87 3.58
N PRO B 171 -2.44 -12.72 4.04
CA PRO B 171 -2.31 -14.17 3.77
C PRO B 171 -2.42 -14.46 2.28
N PRO B 172 -1.40 -15.11 1.71
CA PRO B 172 -1.38 -15.46 0.29
C PRO B 172 -2.60 -16.27 -0.11
N LYS B 173 -3.20 -15.91 -1.24
CA LYS B 173 -4.31 -16.67 -1.77
C LYS B 173 -3.81 -17.60 -2.87
N ASP B 174 -3.02 -17.05 -3.78
CA ASP B 174 -2.59 -17.77 -4.98
C ASP B 174 -1.72 -19.01 -4.71
N LEU B 175 -1.26 -19.16 -3.47
CA LEU B 175 -0.39 -20.29 -3.14
C LEU B 175 -0.77 -20.93 -1.81
N THR B 176 -0.63 -22.26 -1.73
CA THR B 176 -0.87 -22.98 -0.50
C THR B 176 0.42 -23.04 0.31
N TYR B 177 0.30 -23.02 1.63
CA TYR B 177 1.46 -22.93 2.50
C TYR B 177 1.14 -23.35 3.92
N ARG B 178 2.19 -23.51 4.72
CA ARG B 178 2.05 -23.65 6.16
C ARG B 178 2.76 -22.49 6.85
N PRO B 179 2.14 -21.94 7.90
CA PRO B 179 2.79 -20.87 8.66
C PRO B 179 4.04 -21.38 9.37
N MET B 180 5.06 -20.54 9.49
CA MET B 180 6.29 -20.93 10.17
C MET B 180 6.06 -21.26 11.64
N SER B 181 4.91 -20.83 12.16
CA SER B 181 4.55 -21.07 13.56
C SER B 181 4.15 -22.53 13.81
N ASP B 182 4.09 -23.33 12.74
CA ASP B 182 3.77 -24.74 12.87
C ASP B 182 4.93 -25.56 13.45
N MET B 183 6.13 -24.96 13.47
CA MET B 183 7.31 -25.66 13.97
C MET B 183 7.33 -25.70 15.50
N PRO C 2 3.54 2.30 17.02
CA PRO C 2 3.72 2.53 15.58
C PRO C 2 3.87 4.01 15.25
N LEU C 3 4.77 4.33 14.32
CA LEU C 3 5.09 5.71 13.99
C LEU C 3 4.05 6.36 13.08
N GLY C 4 3.34 5.53 12.32
CA GLY C 4 2.37 6.03 11.36
C GLY C 4 3.04 6.97 10.36
N SER C 5 2.47 8.18 10.22
CA SER C 5 2.99 9.15 9.27
C SER C 5 3.92 10.15 9.94
N LYS C 6 4.26 9.91 11.20
CA LYS C 6 5.05 10.87 11.96
C LYS C 6 6.44 11.09 11.40
N SER C 7 7.04 10.05 10.83
CA SER C 7 8.38 10.17 10.25
C SER C 7 8.37 11.10 9.05
N SER C 8 7.44 10.86 8.13
CA SER C 8 7.32 11.70 6.94
C SER C 8 7.02 13.15 7.31
N GLN C 9 6.10 13.34 8.25
CA GLN C 9 5.73 14.68 8.71
C GLN C 9 6.91 15.39 9.32
N TYR C 10 7.68 14.67 10.13
CA TYR C 10 8.84 15.25 10.80
C TYR C 10 9.88 15.72 9.80
N ARG C 11 10.27 14.84 8.88
CA ARG C 11 11.29 15.18 7.89
C ARG C 11 10.83 16.35 7.03
N LYS C 12 9.56 16.34 6.64
CA LYS C 12 9.01 17.41 5.81
C LYS C 12 9.06 18.73 6.56
N MET C 13 8.70 18.69 7.84
CA MET C 13 8.74 19.87 8.69
C MET C 13 10.16 20.42 8.83
N LYS C 14 11.13 19.53 8.94
CA LYS C 14 12.54 19.93 9.12
C LYS C 14 13.09 20.68 7.91
N THR C 15 12.45 20.52 6.75
CA THR C 15 12.94 21.15 5.53
C THR C 15 12.26 22.48 5.23
N GLU C 16 11.20 22.82 5.97
CA GLU C 16 10.46 24.04 5.66
C GLU C 16 9.87 24.74 6.89
N TRP C 17 10.44 24.49 8.06
CA TRP C 17 9.94 25.16 9.26
C TRP C 17 10.21 26.65 9.22
N LYS C 18 11.20 27.07 8.42
CA LYS C 18 11.53 28.48 8.30
C LYS C 18 10.44 29.26 7.57
N SER C 19 9.70 28.58 6.69
CA SER C 19 8.61 29.21 5.96
C SER C 19 7.35 29.32 6.81
N ASN C 20 7.36 28.66 7.96
CA ASN C 20 6.19 28.64 8.83
C ASN C 20 6.23 29.74 9.88
N VAL C 21 7.43 30.13 10.29
CA VAL C 21 7.58 31.03 11.42
C VAL C 21 8.46 32.24 11.15
N TYR C 22 8.30 33.26 11.98
CA TYR C 22 9.25 34.36 12.06
C TYR C 22 9.27 34.92 13.47
N LEU C 23 10.37 35.57 13.84
CA LEU C 23 10.50 36.13 15.17
C LEU C 23 10.05 37.59 15.19
N ALA C 24 9.36 37.96 16.27
CA ALA C 24 8.90 39.33 16.45
C ALA C 24 8.56 39.58 17.90
N ARG C 25 8.45 40.85 18.29
CA ARG C 25 8.11 41.19 19.67
C ARG C 25 6.70 40.74 20.02
N SER C 26 6.59 40.06 21.14
CA SER C 26 5.34 39.44 21.56
C SER C 26 4.36 40.46 22.14
N ARG C 27 3.08 40.25 21.87
CA ARG C 27 2.02 41.03 22.49
C ARG C 27 1.81 40.50 23.90
N ILE C 28 2.34 39.32 24.15
CA ILE C 28 2.25 38.67 25.46
C ILE C 28 3.42 39.07 26.36
N GLN C 29 4.63 38.70 25.95
CA GLN C 29 5.83 39.03 26.71
C GLN C 29 7.10 38.88 25.87
N GLY C 30 7.90 39.95 25.84
CA GLY C 30 9.18 39.93 25.16
C GLY C 30 9.08 39.58 23.69
N LEU C 31 9.85 38.56 23.28
CA LEU C 31 9.79 38.08 21.92
C LEU C 31 8.89 36.86 21.81
N GLY C 32 8.32 36.65 20.63
CA GLY C 32 7.47 35.51 20.39
C GLY C 32 7.62 34.97 18.98
N LEU C 33 7.03 33.82 18.72
CA LEU C 33 7.06 33.24 17.39
C LEU C 33 5.72 33.44 16.70
N TYR C 34 5.76 33.83 15.44
CA TYR C 34 4.54 34.14 14.70
C TYR C 34 4.40 33.27 13.46
N ALA C 35 3.17 33.11 12.98
CA ALA C 35 2.91 32.36 11.76
C ALA C 35 3.28 33.19 10.53
N ALA C 36 4.26 32.71 9.78
CA ALA C 36 4.72 33.41 8.58
C ALA C 36 3.72 33.25 7.45
N ARG C 37 2.90 32.20 7.55
CA ARG C 37 1.88 31.91 6.54
C ARG C 37 0.74 31.14 7.18
N ASP C 38 -0.33 30.94 6.42
CA ASP C 38 -1.46 30.13 6.89
C ASP C 38 -1.00 28.71 7.20
N ILE C 39 -1.36 28.24 8.39
CA ILE C 39 -1.01 26.89 8.82
C ILE C 39 -2.27 26.09 9.15
N GLU C 40 -2.42 24.93 8.52
CA GLU C 40 -3.61 24.11 8.70
C GLU C 40 -3.59 23.32 10.00
N LYS C 41 -4.76 22.78 10.37
CA LYS C 41 -4.91 21.98 11.57
C LYS C 41 -4.06 20.71 11.50
N HIS C 42 -3.53 20.30 12.65
CA HIS C 42 -2.68 19.10 12.75
C HIS C 42 -1.45 19.16 11.86
N THR C 43 -0.78 20.30 11.86
CA THR C 43 0.46 20.47 11.11
C THR C 43 1.66 20.58 12.03
N MET C 44 2.69 19.75 11.82
CA MET C 44 3.95 19.92 12.52
C MET C 44 4.59 21.23 12.12
N VAL C 45 4.74 22.14 13.08
CA VAL C 45 5.23 23.48 12.77
C VAL C 45 6.74 23.60 12.96
N ILE C 46 7.22 23.24 14.14
CA ILE C 46 8.64 23.41 14.48
C ILE C 46 9.04 22.47 15.61
N GLU C 47 10.32 22.09 15.65
CA GLU C 47 10.83 21.25 16.73
C GLU C 47 11.49 22.09 17.80
N TYR C 48 11.23 21.76 19.07
CA TYR C 48 11.93 22.40 20.18
C TYR C 48 13.33 21.80 20.29
N ILE C 49 14.33 22.59 19.92
CA ILE C 49 15.70 22.11 19.80
C ILE C 49 16.64 22.73 20.83
N GLY C 50 17.55 21.93 21.38
CA GLY C 50 18.53 22.44 22.32
C GLY C 50 19.51 21.37 22.79
N THR C 51 20.15 21.63 23.92
CA THR C 51 21.10 20.70 24.51
C THR C 51 20.42 19.80 25.54
N ILE C 52 20.57 18.49 25.38
CA ILE C 52 19.95 17.53 26.30
C ILE C 52 20.76 17.35 27.57
N ILE C 53 20.19 17.73 28.71
CA ILE C 53 20.88 17.66 29.99
C ILE C 53 20.14 16.78 31.00
N ARG C 54 20.86 16.30 32.01
CA ARG C 54 20.26 15.53 33.08
C ARG C 54 19.52 16.44 34.05
N ASN C 55 18.70 15.84 34.92
CA ASN C 55 17.86 16.59 35.84
C ASN C 55 18.63 17.49 36.78
N GLU C 56 19.63 16.93 37.48
CA GLU C 56 20.41 17.71 38.43
C GLU C 56 21.23 18.79 37.72
N VAL C 57 21.59 18.54 36.47
CA VAL C 57 22.25 19.58 35.68
C VAL C 57 21.26 20.71 35.45
N ALA C 58 20.04 20.36 35.09
CA ALA C 58 18.98 21.36 34.87
C ALA C 58 18.70 22.18 36.12
N ASN C 59 18.78 21.54 37.27
CA ASN C 59 18.58 22.25 38.54
C ASN C 59 19.71 23.25 38.81
N ARG C 60 20.93 22.85 38.50
CA ARG C 60 22.08 23.74 38.66
C ARG C 60 22.02 24.88 37.65
N LYS C 61 21.74 24.53 36.39
CA LYS C 61 21.66 25.52 35.32
C LYS C 61 20.58 26.56 35.59
N GLU C 62 19.45 26.12 36.11
CA GLU C 62 18.31 27.00 36.37
C GLU C 62 18.67 28.11 37.36
N LYS C 63 19.35 27.73 38.45
CA LYS C 63 19.79 28.72 39.44
C LYS C 63 20.87 29.62 38.85
N LEU C 64 21.61 29.08 37.89
CA LEU C 64 22.63 29.85 37.19
C LEU C 64 21.99 30.74 36.13
N TYR C 65 20.93 30.24 35.50
CA TYR C 65 20.18 31.03 34.53
C TYR C 65 19.39 32.11 35.26
N GLU C 66 18.89 31.75 36.44
CA GLU C 66 18.41 32.75 37.38
C GLU C 66 19.63 33.48 37.92
N SER C 67 19.41 34.52 38.73
CA SER C 67 20.49 35.38 39.22
C SER C 67 21.20 36.12 38.07
N GLN C 68 20.67 35.96 36.86
CA GLN C 68 21.07 36.74 35.71
C GLN C 68 19.83 37.11 34.90
N ASN C 69 18.67 36.75 35.45
CA ASN C 69 17.36 37.05 34.86
C ASN C 69 17.26 36.57 33.41
N ARG C 70 17.36 35.26 33.20
CA ARG C 70 17.45 34.72 31.85
C ARG C 70 16.25 33.87 31.46
N GLY C 71 15.19 33.92 32.24
CA GLY C 71 13.93 33.27 31.90
C GLY C 71 13.98 31.76 31.73
N VAL C 72 12.85 31.17 31.35
CA VAL C 72 12.73 29.73 31.22
C VAL C 72 12.82 29.26 29.76
N TYR C 73 13.94 28.62 29.43
CA TYR C 73 14.11 28.04 28.10
C TYR C 73 14.41 26.55 28.20
N MET C 74 13.72 25.88 29.12
CA MET C 74 13.89 24.45 29.28
C MET C 74 12.60 23.70 28.97
N PHE C 75 12.72 22.57 28.29
CA PHE C 75 11.58 21.72 27.99
C PHE C 75 11.91 20.29 28.37
N ARG C 76 11.12 19.72 29.26
CA ARG C 76 11.34 18.34 29.70
C ARG C 76 11.05 17.34 28.60
N MET C 77 12.07 16.57 28.23
CA MET C 77 11.95 15.54 27.21
C MET C 77 11.31 14.28 27.78
N ASP C 78 11.88 13.79 28.87
CA ASP C 78 11.32 12.67 29.63
C ASP C 78 11.64 12.85 31.11
N ASN C 79 11.47 11.78 31.89
CA ASN C 79 11.64 11.88 33.33
C ASN C 79 13.08 12.11 33.76
N ASP C 80 14.02 11.78 32.87
CA ASP C 80 15.44 11.83 33.21
C ASP C 80 16.18 12.94 32.47
N HIS C 81 15.58 13.48 31.43
CA HIS C 81 16.27 14.43 30.56
C HIS C 81 15.47 15.70 30.29
N VAL C 82 16.20 16.80 30.15
CA VAL C 82 15.61 18.10 29.88
C VAL C 82 16.32 18.74 28.69
N ILE C 83 15.55 19.37 27.80
CA ILE C 83 16.14 20.13 26.70
C ILE C 83 16.40 21.57 27.13
N ASP C 84 17.66 21.96 27.14
CA ASP C 84 18.02 23.33 27.50
C ASP C 84 18.34 24.15 26.26
N ALA C 85 17.53 25.17 26.02
CA ALA C 85 17.68 26.01 24.83
C ALA C 85 18.05 27.44 25.21
N THR C 86 18.51 27.61 26.45
CA THR C 86 18.85 28.93 26.96
C THR C 86 20.03 29.56 26.22
N LEU C 87 21.11 28.81 26.07
CA LEU C 87 22.31 29.33 25.43
C LEU C 87 22.40 28.93 23.97
N THR C 88 21.74 27.83 23.62
CA THR C 88 21.81 27.31 22.27
C THR C 88 20.62 26.42 21.94
N GLY C 89 20.15 26.50 20.70
CA GLY C 89 19.03 25.71 20.26
C GLY C 89 18.31 26.33 19.08
N GLY C 90 16.98 26.20 19.07
CA GLY C 90 16.17 26.70 17.97
C GLY C 90 15.16 27.73 18.42
N PRO C 91 14.57 28.45 17.44
CA PRO C 91 13.62 29.56 17.67
C PRO C 91 12.34 29.16 18.39
N ALA C 92 12.10 27.86 18.59
CA ALA C 92 10.88 27.39 19.25
C ALA C 92 10.87 27.83 20.71
N ARG C 93 12.06 28.12 21.24
CA ARG C 93 12.22 28.61 22.60
C ARG C 93 11.42 29.89 22.85
N TYR C 94 11.11 30.61 21.77
CA TYR C 94 10.45 31.91 21.87
C TYR C 94 8.93 31.81 21.91
N ILE C 95 8.38 30.64 21.61
CA ILE C 95 6.93 30.45 21.62
C ILE C 95 6.36 30.62 23.02
N ASN C 96 5.45 31.58 23.16
CA ASN C 96 4.91 31.92 24.47
C ASN C 96 3.82 30.97 24.96
N HIS C 97 3.45 31.14 26.22
CA HIS C 97 2.36 30.39 26.81
C HIS C 97 1.05 31.13 26.65
N SER C 98 -0.05 30.38 26.49
CA SER C 98 -1.36 30.99 26.41
C SER C 98 -2.44 30.08 26.98
N CYS C 99 -3.47 30.69 27.56
CA CYS C 99 -4.62 29.96 28.08
C CYS C 99 -5.50 29.50 26.92
N ALA C 100 -5.39 30.20 25.80
CA ALA C 100 -6.08 29.82 24.57
C ALA C 100 -5.05 29.47 23.49
N PRO C 101 -4.46 28.27 23.59
CA PRO C 101 -3.35 27.89 22.71
C PRO C 101 -3.81 27.53 21.31
N ASN C 102 -2.97 27.82 20.31
CA ASN C 102 -3.24 27.39 18.94
C ASN C 102 -2.29 26.27 18.53
N CYS C 103 -1.34 25.97 19.41
CA CYS C 103 -0.38 24.88 19.19
C CYS C 103 -0.38 23.90 20.36
N VAL C 104 0.17 22.71 20.11
CA VAL C 104 0.37 21.72 21.15
C VAL C 104 1.78 21.15 21.09
N ALA C 105 2.36 20.88 22.25
CA ALA C 105 3.69 20.29 22.32
C ALA C 105 3.59 18.80 22.58
N GLU C 106 4.19 18.00 21.69
CA GLU C 106 4.10 16.55 21.79
C GLU C 106 5.45 15.86 21.63
N VAL C 107 5.60 14.73 22.29
CA VAL C 107 6.83 13.94 22.17
C VAL C 107 6.68 12.84 21.13
N VAL C 108 7.56 12.84 20.15
CA VAL C 108 7.60 11.77 19.16
C VAL C 108 8.82 10.90 19.40
N THR C 109 8.59 9.62 19.63
CA THR C 109 9.67 8.68 19.94
C THR C 109 10.18 7.98 18.69
N PHE C 110 11.33 8.42 18.19
CA PHE C 110 12.01 7.72 17.10
C PHE C 110 13.07 6.80 17.70
N GLU C 111 13.68 5.97 16.85
CA GLU C 111 14.74 5.09 17.31
C GLU C 111 15.97 5.87 17.76
N ARG C 112 16.30 6.92 17.01
CA ARG C 112 17.49 7.72 17.29
C ARG C 112 17.31 8.64 18.50
N GLY C 113 16.08 8.74 19.01
CA GLY C 113 15.82 9.55 20.19
C GLY C 113 14.47 10.25 20.19
N HIS C 114 14.13 10.86 21.32
CA HIS C 114 12.88 11.58 21.46
C HIS C 114 12.98 12.97 20.85
N LYS C 115 11.90 13.41 20.20
CA LYS C 115 11.84 14.75 19.64
C LYS C 115 10.61 15.50 20.15
N ILE C 116 10.81 16.72 20.63
CA ILE C 116 9.71 17.59 21.02
C ILE C 116 9.19 18.36 19.81
N ILE C 117 7.97 18.06 19.40
CA ILE C 117 7.38 18.67 18.22
C ILE C 117 6.24 19.61 18.56
N ILE C 118 6.25 20.80 17.97
CA ILE C 118 5.16 21.76 18.14
C ILE C 118 4.22 21.69 16.93
N SER C 119 2.99 21.25 17.17
CA SER C 119 1.99 21.14 16.11
C SER C 119 0.80 22.07 16.36
N SER C 120 0.13 22.46 15.28
CA SER C 120 -1.06 23.29 15.39
C SER C 120 -2.28 22.45 15.80
N SER C 121 -3.15 23.05 16.61
CA SER C 121 -4.38 22.39 17.04
C SER C 121 -5.58 22.92 16.29
N ARG C 122 -5.35 23.96 15.48
CA ARG C 122 -6.39 24.52 14.63
C ARG C 122 -5.74 25.25 13.45
N ARG C 123 -6.56 25.75 12.53
CA ARG C 123 -6.04 26.56 11.43
C ARG C 123 -5.46 27.87 11.99
N ILE C 124 -4.23 28.16 11.63
CA ILE C 124 -3.55 29.35 12.12
C ILE C 124 -3.27 30.33 10.99
N GLN C 125 -3.83 31.53 11.08
CA GLN C 125 -3.70 32.52 10.02
C GLN C 125 -2.36 33.24 10.10
N LYS C 126 -1.95 33.83 8.97
CA LYS C 126 -0.69 34.56 8.90
C LYS C 126 -0.72 35.79 9.79
N GLY C 127 0.32 35.95 10.60
CA GLY C 127 0.42 37.09 11.50
C GLY C 127 0.07 36.75 12.94
N GLU C 128 -0.60 35.61 13.13
CA GLU C 128 -0.96 35.15 14.47
C GLU C 128 0.28 34.74 15.26
N GLU C 129 0.27 35.03 16.56
CA GLU C 129 1.34 34.57 17.43
C GLU C 129 1.11 33.11 17.82
N LEU C 130 2.13 32.29 17.62
CA LEU C 130 2.08 30.89 18.02
C LEU C 130 2.18 30.77 19.54
N CYS C 131 1.40 29.88 20.12
CA CYS C 131 1.41 29.67 21.56
C CYS C 131 0.84 28.31 21.94
N TYR C 132 1.43 27.70 22.96
CA TYR C 132 0.90 26.46 23.50
C TYR C 132 0.80 26.52 25.02
N ASP C 133 0.32 25.43 25.62
CA ASP C 133 0.19 25.35 27.06
C ASP C 133 1.47 24.78 27.67
N TYR C 134 2.17 25.60 28.46
CA TYR C 134 3.44 25.19 29.07
C TYR C 134 3.26 24.03 30.05
N LYS C 135 2.10 24.01 30.71
CA LYS C 135 1.78 22.98 31.71
C LYS C 135 2.86 22.90 32.79
N PHE C 136 3.19 24.06 33.37
CA PHE C 136 4.17 24.13 34.44
C PHE C 136 3.74 23.33 35.66
N ILE C 145 3.27 32.57 38.98
CA ILE C 145 3.68 33.42 37.86
C ILE C 145 2.47 33.98 37.12
N PRO C 146 2.32 35.31 37.13
CA PRO C 146 1.23 36.01 36.45
C PRO C 146 1.21 35.76 34.93
N CYS C 147 0.03 35.54 34.37
CA CYS C 147 -0.11 35.31 32.94
C CYS C 147 -0.62 36.56 32.23
N HIS C 148 -0.05 36.83 31.05
CA HIS C 148 -0.44 37.98 30.25
C HIS C 148 -0.63 37.57 28.79
N CYS C 149 -1.32 36.46 28.56
CA CYS C 149 -1.57 35.99 27.20
C CYS C 149 -2.61 36.90 26.51
N GLY C 150 -3.39 37.60 27.33
CA GLY C 150 -4.35 38.58 26.83
C GLY C 150 -5.61 37.98 26.23
N ALA C 151 -5.76 36.67 26.34
CA ALA C 151 -6.91 35.98 25.77
C ALA C 151 -8.16 36.21 26.61
N VAL C 152 -9.33 36.14 25.95
CA VAL C 152 -10.60 36.21 26.65
C VAL C 152 -10.71 35.02 27.61
N ASN C 153 -11.18 35.29 28.83
CA ASN C 153 -11.28 34.29 29.89
C ASN C 153 -9.92 33.68 30.20
N CYS C 154 -8.93 34.55 30.42
CA CYS C 154 -7.58 34.14 30.81
C CYS C 154 -7.56 33.60 32.24
N ARG C 155 -6.72 32.59 32.48
CA ARG C 155 -6.63 31.97 33.81
C ARG C 155 -5.81 32.80 34.79
N LYS C 156 -5.31 33.95 34.31
CA LYS C 156 -4.56 34.91 35.12
C LYS C 156 -3.18 34.41 35.59
N TRP C 157 -3.00 33.09 35.61
CA TRP C 157 -1.76 32.51 36.12
C TRP C 157 -1.27 31.37 35.24
N MET C 158 0.05 31.20 35.17
CA MET C 158 0.66 30.12 34.42
C MET C 158 0.87 28.88 35.29
N ASN C 159 0.22 28.88 36.45
CA ASN C 159 0.35 27.77 37.40
C ASN C 159 -1.01 27.29 37.90
N PHE D 7 24.67 33.28 21.73
CA PHE D 7 23.69 32.26 21.36
C PHE D 7 24.05 31.61 20.03
N LYS D 8 24.00 30.27 20.00
CA LYS D 8 24.32 29.53 18.79
C LYS D 8 23.13 28.69 18.33
N GLU D 9 22.82 28.74 17.04
CA GLU D 9 21.70 27.99 16.48
C GLU D 9 22.06 26.51 16.28
N LEU D 10 21.06 25.65 16.47
CA LEU D 10 21.23 24.22 16.25
C LEU D 10 20.18 23.69 15.29
N ASP D 11 20.62 22.88 14.33
CA ASP D 11 19.70 22.23 13.39
C ASP D 11 19.08 20.99 14.03
N GLU D 12 19.78 20.44 15.02
CA GLU D 12 19.30 19.25 15.73
C GLU D 12 19.76 19.27 17.18
N ASN D 13 19.09 18.49 18.02
CA ASN D 13 19.48 18.35 19.42
C ASN D 13 20.90 17.82 19.58
N VAL D 14 21.62 18.36 20.56
CA VAL D 14 22.95 17.85 20.89
C VAL D 14 23.00 17.38 22.35
N GLU D 15 23.86 16.42 22.61
CA GLU D 15 24.01 15.88 23.96
C GLU D 15 25.00 16.72 24.74
N TYR D 16 24.58 17.19 25.91
CA TYR D 16 25.44 18.02 26.74
C TYR D 16 26.63 17.25 27.28
N GLU D 17 27.83 17.80 27.09
CA GLU D 17 29.03 17.21 27.63
C GLU D 17 29.39 17.88 28.95
N GLU D 18 29.01 17.23 30.05
CA GLU D 18 29.23 17.77 31.38
C GLU D 18 30.71 17.86 31.72
N ARG D 19 31.09 18.89 32.47
CA ARG D 19 32.46 19.01 32.94
C ARG D 19 32.57 18.34 34.30
N GLU D 20 33.80 18.16 34.77
CA GLU D 20 34.06 17.47 36.03
C GLU D 20 33.43 18.20 37.22
N SER D 21 33.47 19.52 37.19
CA SER D 21 32.94 20.34 38.28
C SER D 21 31.54 20.87 37.97
N GLU D 22 30.76 20.09 37.24
CA GLU D 22 29.44 20.54 36.78
C GLU D 22 28.49 20.84 37.94
N PHE D 23 28.60 20.05 39.01
CA PHE D 23 27.63 20.11 40.10
C PHE D 23 28.16 20.88 41.31
N ASP D 24 29.38 21.40 41.20
CA ASP D 24 30.04 22.00 42.35
C ASP D 24 29.64 23.45 42.61
N ILE D 25 29.63 23.84 43.88
CA ILE D 25 29.33 25.20 44.30
C ILE D 25 30.61 25.95 44.68
N LEU E 3 -8.42 -20.16 -2.46
CA LEU E 3 -8.53 -18.90 -3.21
C LEU E 3 -9.84 -18.18 -2.91
N GLY E 4 -10.84 -18.94 -2.50
CA GLY E 4 -12.16 -18.37 -2.24
C GLY E 4 -13.25 -19.16 -2.94
N SER E 5 -14.50 -18.72 -2.75
CA SER E 5 -15.64 -19.38 -3.37
C SER E 5 -15.60 -19.21 -4.88
N LYS E 6 -16.04 -20.25 -5.60
CA LYS E 6 -16.05 -20.22 -7.06
C LYS E 6 -16.89 -19.06 -7.57
N SER E 7 -17.92 -18.70 -6.81
CA SER E 7 -18.77 -17.57 -7.14
C SER E 7 -17.97 -16.27 -7.22
N SER E 8 -17.22 -15.99 -6.16
CA SER E 8 -16.45 -14.75 -6.09
C SER E 8 -15.29 -14.75 -7.09
N GLN E 9 -14.72 -15.92 -7.33
CA GLN E 9 -13.66 -16.05 -8.33
C GLN E 9 -14.22 -15.75 -9.71
N TYR E 10 -15.43 -16.23 -9.97
CA TYR E 10 -16.08 -16.00 -11.25
C TYR E 10 -16.39 -14.52 -11.45
N ARG E 11 -16.97 -13.90 -10.44
CA ARG E 11 -17.32 -12.49 -10.51
C ARG E 11 -16.08 -11.64 -10.75
N LYS E 12 -14.97 -12.04 -10.13
CA LYS E 12 -13.71 -11.33 -10.31
C LYS E 12 -13.22 -11.48 -11.75
N MET E 13 -13.21 -12.71 -12.23
CA MET E 13 -12.70 -13.02 -13.56
C MET E 13 -13.45 -12.27 -14.67
N LYS E 14 -14.78 -12.16 -14.52
CA LYS E 14 -15.60 -11.51 -15.55
C LYS E 14 -15.30 -10.03 -15.73
N THR E 15 -14.62 -9.42 -14.75
CA THR E 15 -14.32 -8.00 -14.83
C THR E 15 -12.93 -7.73 -15.42
N GLU E 16 -12.15 -8.78 -15.60
CA GLU E 16 -10.76 -8.61 -16.04
C GLU E 16 -10.26 -9.70 -16.97
N TRP E 17 -11.17 -10.48 -17.55
CA TRP E 17 -10.77 -11.56 -18.44
C TRP E 17 -10.12 -11.02 -19.72
N LYS E 18 -10.51 -9.80 -20.10
CA LYS E 18 -9.95 -9.14 -21.27
C LYS E 18 -8.44 -8.92 -21.14
N SER E 19 -7.97 -8.70 -19.92
CA SER E 19 -6.54 -8.49 -19.69
C SER E 19 -5.83 -9.81 -19.39
N ASN E 20 -6.54 -10.92 -19.62
CA ASN E 20 -5.95 -12.24 -19.45
C ASN E 20 -5.51 -12.87 -20.77
N VAL E 21 -6.23 -12.54 -21.83
CA VAL E 21 -6.08 -13.25 -23.10
C VAL E 21 -5.97 -12.33 -24.30
N TYR E 22 -5.53 -12.90 -25.43
CA TYR E 22 -5.59 -12.22 -26.72
C TYR E 22 -5.62 -13.26 -27.83
N LEU E 23 -6.19 -12.87 -28.98
CA LEU E 23 -6.31 -13.76 -30.13
C LEU E 23 -5.13 -13.63 -31.08
N ALA E 24 -4.69 -14.75 -31.64
CA ALA E 24 -3.60 -14.76 -32.60
C ALA E 24 -3.60 -16.04 -33.40
N ARG E 25 -2.91 -16.04 -34.53
CA ARG E 25 -2.80 -17.24 -35.36
C ARG E 25 -2.06 -18.33 -34.59
N SER E 26 -2.68 -19.51 -34.53
CA SER E 26 -2.14 -20.61 -33.75
C SER E 26 -1.19 -21.48 -34.57
N ARG E 27 -0.21 -22.06 -33.89
CA ARG E 27 0.67 -23.06 -34.49
C ARG E 27 -0.06 -24.40 -34.60
N ILE E 28 -1.16 -24.52 -33.87
CA ILE E 28 -1.97 -25.73 -33.88
C ILE E 28 -2.94 -25.73 -35.07
N GLN E 29 -3.88 -24.79 -35.06
CA GLN E 29 -4.85 -24.66 -36.16
C GLN E 29 -5.58 -23.33 -36.08
N GLY E 30 -5.72 -22.67 -37.23
CA GLY E 30 -6.45 -21.42 -37.33
C GLY E 30 -6.07 -20.39 -36.30
N LEU E 31 -7.07 -19.79 -35.66
CA LEU E 31 -6.85 -18.84 -34.58
C LEU E 31 -6.76 -19.57 -33.24
N GLY E 32 -6.08 -18.93 -32.29
CA GLY E 32 -5.97 -19.47 -30.94
C GLY E 32 -6.03 -18.38 -29.89
N LEU E 33 -6.11 -18.78 -28.64
CA LEU E 33 -6.14 -17.83 -27.54
C LEU E 33 -4.85 -17.93 -26.74
N TYR E 34 -4.25 -16.78 -26.43
CA TYR E 34 -2.96 -16.75 -25.75
C TYR E 34 -3.00 -15.96 -24.46
N ALA E 35 -2.08 -16.26 -23.55
CA ALA E 35 -1.99 -15.55 -22.28
C ALA E 35 -1.38 -14.17 -22.46
N ALA E 36 -2.15 -13.13 -22.15
CA ALA E 36 -1.69 -11.76 -22.28
C ALA E 36 -0.72 -11.41 -21.16
N ARG E 37 -0.85 -12.14 -20.06
CA ARG E 37 0.01 -11.96 -18.91
C ARG E 37 0.36 -13.31 -18.29
N ASP E 38 0.87 -13.28 -17.07
CA ASP E 38 1.23 -14.47 -16.30
C ASP E 38 0.04 -14.96 -15.48
N ILE E 39 -0.28 -16.24 -15.62
CA ILE E 39 -1.40 -16.81 -14.88
C ILE E 39 -0.94 -17.89 -13.91
N GLU E 40 -1.13 -17.66 -12.63
CA GLU E 40 -0.82 -18.67 -11.62
C GLU E 40 -1.74 -19.87 -11.78
N LYS E 41 -1.34 -21.02 -11.23
CA LYS E 41 -2.12 -22.24 -11.33
C LYS E 41 -3.49 -22.09 -10.66
N HIS E 42 -4.47 -22.84 -11.16
CA HIS E 42 -5.83 -22.86 -10.61
C HIS E 42 -6.47 -21.47 -10.60
N THR E 43 -6.33 -20.76 -11.71
CA THR E 43 -6.94 -19.43 -11.85
C THR E 43 -7.97 -19.43 -12.98
N MET E 44 -9.14 -18.87 -12.70
CA MET E 44 -10.16 -18.71 -13.73
C MET E 44 -9.69 -17.71 -14.77
N VAL E 45 -9.56 -18.18 -16.02
CA VAL E 45 -9.02 -17.34 -17.08
C VAL E 45 -10.12 -16.64 -17.85
N ILE E 46 -11.07 -17.42 -18.36
CA ILE E 46 -12.11 -16.89 -19.23
C ILE E 46 -13.32 -17.83 -19.25
N GLU E 47 -14.51 -17.28 -19.48
CA GLU E 47 -15.72 -18.08 -19.61
C GLU E 47 -16.00 -18.39 -21.07
N TYR E 48 -16.42 -19.63 -21.33
CA TYR E 48 -16.91 -20.01 -22.64
C TYR E 48 -18.38 -19.62 -22.74
N ILE E 49 -18.67 -18.47 -23.33
CA ILE E 49 -20.05 -17.99 -23.41
C ILE E 49 -20.72 -18.42 -24.70
N GLY E 50 -22.05 -18.35 -24.70
CA GLY E 50 -22.82 -18.70 -25.87
C GLY E 50 -24.28 -18.94 -25.53
N THR E 51 -25.00 -19.54 -26.47
CA THR E 51 -26.41 -19.83 -26.27
C THR E 51 -26.59 -21.27 -25.79
N ILE E 52 -27.16 -21.42 -24.60
CA ILE E 52 -27.43 -22.74 -24.03
C ILE E 52 -28.64 -23.38 -24.69
N ILE E 53 -28.44 -24.54 -25.31
CA ILE E 53 -29.49 -25.25 -26.02
C ILE E 53 -29.48 -26.73 -25.67
N ARG E 54 -30.64 -27.38 -25.78
CA ARG E 54 -30.72 -28.82 -25.57
C ARG E 54 -30.13 -29.57 -26.76
N ASN E 55 -29.87 -30.87 -26.58
CA ASN E 55 -29.16 -31.67 -27.57
C ASN E 55 -29.80 -31.70 -28.94
N GLU E 56 -31.11 -31.97 -28.99
CA GLU E 56 -31.79 -32.11 -30.27
C GLU E 56 -31.84 -30.78 -31.01
N VAL E 57 -31.86 -29.68 -30.24
CA VAL E 57 -31.77 -28.35 -30.84
C VAL E 57 -30.38 -28.18 -31.45
N ALA E 58 -29.36 -28.59 -30.72
CA ALA E 58 -27.98 -28.49 -31.17
C ALA E 58 -27.75 -29.31 -32.44
N ASN E 59 -28.39 -30.47 -32.53
CA ASN E 59 -28.28 -31.30 -33.72
C ASN E 59 -28.84 -30.60 -34.95
N ARG E 60 -30.01 -30.00 -34.80
CA ARG E 60 -30.64 -29.28 -35.90
C ARG E 60 -29.80 -28.05 -36.27
N LYS E 61 -29.36 -27.29 -35.27
CA LYS E 61 -28.57 -26.09 -35.51
C LYS E 61 -27.27 -26.42 -36.24
N GLU E 62 -26.61 -27.50 -35.82
CA GLU E 62 -25.35 -27.90 -36.42
C GLU E 62 -25.50 -28.23 -37.91
N LYS E 63 -26.51 -29.02 -38.26
CA LYS E 63 -26.76 -29.36 -39.65
C LYS E 63 -27.11 -28.12 -40.45
N LEU E 64 -27.77 -27.16 -39.79
CA LEU E 64 -28.16 -25.92 -40.44
C LEU E 64 -26.94 -25.07 -40.77
N TYR E 65 -26.06 -24.89 -39.79
CA TYR E 65 -24.81 -24.16 -39.98
C TYR E 65 -23.99 -24.75 -41.13
N GLU E 66 -23.83 -26.07 -41.11
CA GLU E 66 -23.04 -26.76 -42.13
C GLU E 66 -23.64 -26.60 -43.51
N SER E 67 -24.97 -26.51 -43.59
CA SER E 67 -25.65 -26.35 -44.87
C SER E 67 -25.41 -24.94 -45.42
N GLN E 68 -25.08 -24.01 -44.53
CA GLN E 68 -24.82 -22.63 -44.92
C GLN E 68 -23.32 -22.33 -44.88
N ASN E 69 -22.52 -23.39 -44.80
CA ASN E 69 -21.06 -23.28 -44.78
C ASN E 69 -20.56 -22.31 -43.71
N ARG E 70 -21.15 -22.39 -42.52
CA ARG E 70 -20.74 -21.55 -41.40
C ARG E 70 -20.12 -22.40 -40.33
N GLY E 71 -18.93 -22.02 -39.87
CA GLY E 71 -18.21 -22.77 -38.85
C GLY E 71 -18.98 -22.92 -37.56
N VAL E 72 -19.11 -24.15 -37.10
CA VAL E 72 -19.79 -24.43 -35.85
C VAL E 72 -18.85 -24.36 -34.66
N TYR E 73 -19.27 -23.63 -33.62
CA TYR E 73 -18.54 -23.55 -32.37
C TYR E 73 -19.45 -23.95 -31.22
N MET E 74 -19.25 -25.17 -30.69
CA MET E 74 -20.10 -25.67 -29.62
C MET E 74 -19.32 -26.37 -28.51
N PHE E 75 -19.83 -26.24 -27.29
CA PHE E 75 -19.24 -26.92 -26.13
C PHE E 75 -20.33 -27.63 -25.34
N ARG E 76 -20.10 -28.90 -25.04
CA ARG E 76 -21.08 -29.68 -24.28
C ARG E 76 -20.93 -29.49 -22.78
N MET E 77 -21.93 -28.88 -22.14
CA MET E 77 -21.92 -28.71 -20.69
C MET E 77 -22.15 -30.05 -19.98
N ASP E 78 -23.38 -30.54 -20.06
CA ASP E 78 -23.72 -31.84 -19.51
C ASP E 78 -24.32 -32.73 -20.60
N ASN E 79 -24.93 -33.84 -20.18
CA ASN E 79 -25.46 -34.82 -21.13
C ASN E 79 -26.65 -34.32 -21.92
N ASP E 80 -27.30 -33.26 -21.44
CA ASP E 80 -28.53 -32.78 -22.07
C ASP E 80 -28.42 -31.38 -22.65
N HIS E 81 -27.30 -30.69 -22.40
CA HIS E 81 -27.17 -29.31 -22.84
C HIS E 81 -25.85 -29.01 -23.52
N VAL E 82 -25.91 -28.09 -24.49
CA VAL E 82 -24.75 -27.64 -25.23
C VAL E 82 -24.74 -26.12 -25.26
N ILE E 83 -23.54 -25.53 -25.18
CA ILE E 83 -23.40 -24.10 -25.37
C ILE E 83 -22.99 -23.81 -26.81
N ASP E 84 -23.88 -23.19 -27.56
CA ASP E 84 -23.60 -22.83 -28.95
C ASP E 84 -22.99 -21.44 -29.03
N ALA E 85 -21.73 -21.38 -29.44
CA ALA E 85 -21.00 -20.12 -29.47
C ALA E 85 -20.79 -19.63 -30.91
N THR E 86 -21.51 -20.25 -31.84
CA THR E 86 -21.36 -19.93 -33.26
C THR E 86 -21.73 -18.48 -33.56
N LEU E 87 -22.80 -17.99 -32.93
CA LEU E 87 -23.28 -16.64 -33.18
C LEU E 87 -23.07 -15.71 -31.99
N THR E 88 -23.25 -16.24 -30.79
CA THR E 88 -23.16 -15.43 -29.58
C THR E 88 -21.93 -15.78 -28.73
N GLY E 89 -20.89 -16.26 -29.37
CA GLY E 89 -19.71 -16.72 -28.65
C GLY E 89 -18.73 -15.62 -28.28
N GLY E 90 -17.76 -15.98 -27.46
CA GLY E 90 -16.69 -15.08 -27.08
C GLY E 90 -15.36 -15.67 -27.51
N PRO E 91 -14.25 -14.96 -27.19
CA PRO E 91 -12.90 -15.36 -27.58
C PRO E 91 -12.53 -16.78 -27.14
N ALA E 92 -13.19 -17.28 -26.10
CA ALA E 92 -12.91 -18.63 -25.60
C ALA E 92 -13.26 -19.71 -26.62
N ARG E 93 -14.06 -19.34 -27.63
CA ARG E 93 -14.45 -20.29 -28.67
C ARG E 93 -13.24 -20.70 -29.50
N TYR E 94 -12.18 -19.89 -29.47
CA TYR E 94 -11.00 -20.14 -30.29
C TYR E 94 -9.90 -20.90 -29.55
N ILE E 95 -10.19 -21.40 -28.36
CA ILE E 95 -9.21 -22.16 -27.61
C ILE E 95 -9.08 -23.57 -28.18
N ASN E 96 -7.88 -23.90 -28.66
CA ASN E 96 -7.65 -25.18 -29.31
C ASN E 96 -7.49 -26.34 -28.33
N HIS E 97 -7.44 -27.55 -28.86
CA HIS E 97 -7.20 -28.74 -28.06
C HIS E 97 -5.70 -29.04 -27.97
N SER E 98 -5.28 -29.63 -26.87
CA SER E 98 -3.92 -30.16 -26.76
C SER E 98 -3.88 -31.42 -25.90
N CYS E 99 -3.06 -32.37 -26.32
CA CYS E 99 -2.82 -33.56 -25.53
C CYS E 99 -1.97 -33.17 -24.32
N ALA E 100 -1.36 -31.99 -24.41
CA ALA E 100 -0.58 -31.42 -23.31
C ALA E 100 -1.20 -30.10 -22.86
N PRO E 101 -2.40 -30.16 -22.25
CA PRO E 101 -3.10 -28.91 -21.95
C PRO E 101 -2.51 -28.17 -20.76
N ASN E 102 -2.64 -26.84 -20.77
CA ASN E 102 -2.27 -26.03 -19.61
C ASN E 102 -3.53 -25.46 -18.95
N CYS E 103 -4.68 -25.78 -19.53
CA CYS E 103 -5.97 -25.35 -19.00
C CYS E 103 -6.95 -26.51 -18.89
N VAL E 104 -7.97 -26.33 -18.08
CA VAL E 104 -9.07 -27.30 -17.99
C VAL E 104 -10.40 -26.58 -18.10
N ALA E 105 -11.41 -27.28 -18.63
CA ALA E 105 -12.75 -26.73 -18.74
C ALA E 105 -13.67 -27.41 -17.73
N GLU E 106 -14.25 -26.61 -16.84
CA GLU E 106 -15.10 -27.16 -15.79
C GLU E 106 -16.49 -26.52 -15.80
N VAL E 107 -17.51 -27.36 -15.64
CA VAL E 107 -18.88 -26.89 -15.47
C VAL E 107 -19.11 -26.53 -14.01
N VAL E 108 -19.56 -25.32 -13.75
CA VAL E 108 -19.76 -24.87 -12.38
C VAL E 108 -21.25 -24.65 -12.06
N THR E 109 -21.82 -25.57 -11.30
CA THR E 109 -23.25 -25.62 -11.04
C THR E 109 -23.66 -24.49 -10.08
N PHE E 110 -24.14 -23.40 -10.66
CA PHE E 110 -24.63 -22.24 -9.89
C PHE E 110 -26.14 -22.01 -10.13
N GLU E 111 -26.79 -21.33 -9.20
CA GLU E 111 -28.25 -21.20 -9.20
C GLU E 111 -28.82 -20.50 -10.43
N ARG E 112 -28.11 -19.48 -10.94
CA ARG E 112 -28.60 -18.73 -12.10
C ARG E 112 -28.15 -19.40 -13.40
N GLY E 113 -27.66 -20.63 -13.28
CA GLY E 113 -27.31 -21.41 -14.46
C GLY E 113 -25.88 -21.93 -14.46
N HIS E 114 -25.63 -22.93 -15.28
CA HIS E 114 -24.30 -23.50 -15.43
C HIS E 114 -23.41 -22.54 -16.20
N LYS E 115 -22.12 -22.55 -15.87
CA LYS E 115 -21.14 -21.77 -16.62
C LYS E 115 -19.98 -22.68 -17.01
N ILE E 116 -19.42 -22.45 -18.19
CA ILE E 116 -18.23 -23.16 -18.61
C ILE E 116 -17.02 -22.26 -18.36
N ILE E 117 -16.21 -22.63 -17.38
CA ILE E 117 -15.06 -21.82 -17.01
C ILE E 117 -13.76 -22.50 -17.40
N ILE E 118 -12.90 -21.77 -18.09
CA ILE E 118 -11.56 -22.26 -18.41
C ILE E 118 -10.57 -21.79 -17.36
N SER E 119 -10.04 -22.72 -16.58
CA SER E 119 -9.05 -22.41 -15.56
C SER E 119 -7.69 -22.99 -15.91
N SER E 120 -6.64 -22.36 -15.40
CA SER E 120 -5.28 -22.84 -15.61
C SER E 120 -5.00 -24.07 -14.75
N SER E 121 -4.45 -25.11 -15.36
CA SER E 121 -4.09 -26.32 -14.64
C SER E 121 -2.70 -26.20 -14.05
N ARG E 122 -1.97 -25.20 -14.51
CA ARG E 122 -0.62 -24.92 -14.02
C ARG E 122 -0.30 -23.45 -14.22
N ARG E 123 0.89 -23.05 -13.79
CA ARG E 123 1.34 -21.68 -14.02
C ARG E 123 1.55 -21.45 -15.51
N ILE E 124 1.00 -20.37 -16.03
CA ILE E 124 1.13 -20.05 -17.45
C ILE E 124 1.83 -18.70 -17.64
N GLN E 125 2.91 -18.72 -18.41
CA GLN E 125 3.72 -17.54 -18.71
C GLN E 125 3.17 -16.81 -19.94
N LYS E 126 3.24 -15.48 -19.90
CA LYS E 126 2.79 -14.62 -20.99
C LYS E 126 3.31 -15.08 -22.35
N GLY E 127 2.42 -15.19 -23.33
CA GLY E 127 2.81 -15.62 -24.67
C GLY E 127 2.41 -17.05 -24.99
N GLU E 128 2.19 -17.85 -23.94
CA GLU E 128 1.79 -19.24 -24.12
C GLU E 128 0.38 -19.34 -24.70
N GLU E 129 0.16 -20.37 -25.52
CA GLU E 129 -1.16 -20.61 -26.06
C GLU E 129 -2.01 -21.37 -25.04
N LEU E 130 -3.23 -20.91 -24.84
CA LEU E 130 -4.17 -21.57 -23.95
C LEU E 130 -4.79 -22.77 -24.64
N CYS E 131 -4.78 -23.91 -23.96
CA CYS E 131 -5.32 -25.15 -24.52
CA CYS E 131 -5.32 -25.15 -24.52
C CYS E 131 -5.86 -26.07 -23.43
N TYR E 132 -7.00 -26.70 -23.71
CA TYR E 132 -7.57 -27.69 -22.80
C TYR E 132 -7.85 -28.98 -23.55
N ASP E 133 -8.11 -30.04 -22.80
CA ASP E 133 -8.36 -31.35 -23.38
C ASP E 133 -9.83 -31.51 -23.79
N TYR E 134 -10.08 -31.63 -25.09
CA TYR E 134 -11.42 -31.84 -25.59
C TYR E 134 -11.93 -33.21 -25.15
N LYS E 144 -12.95 -38.76 -36.99
CA LYS E 144 -11.57 -38.87 -36.56
C LYS E 144 -10.62 -38.09 -37.47
N ILE E 145 -10.09 -36.99 -36.96
CA ILE E 145 -9.14 -36.17 -37.70
C ILE E 145 -7.82 -36.08 -36.93
N PRO E 146 -6.70 -35.96 -37.64
CA PRO E 146 -5.39 -35.91 -36.97
C PRO E 146 -5.24 -34.71 -36.04
N CYS E 147 -4.55 -34.92 -34.93
CA CYS E 147 -4.32 -33.87 -33.94
C CYS E 147 -2.98 -33.20 -34.17
N HIS E 148 -2.98 -31.87 -34.23
CA HIS E 148 -1.77 -31.11 -34.51
C HIS E 148 -1.40 -30.19 -33.35
N CYS E 149 -1.55 -30.68 -32.13
CA CYS E 149 -1.24 -29.88 -30.94
C CYS E 149 0.27 -29.72 -30.76
N GLY E 150 1.03 -30.55 -31.47
CA GLY E 150 2.49 -30.43 -31.51
C GLY E 150 3.19 -30.93 -30.26
N ALA E 151 2.43 -31.47 -29.33
CA ALA E 151 2.98 -31.94 -28.06
C ALA E 151 3.73 -33.26 -28.24
N VAL E 152 4.66 -33.53 -27.33
CA VAL E 152 5.35 -34.80 -27.30
C VAL E 152 4.34 -35.90 -26.93
N ASN E 153 4.42 -37.02 -27.62
CA ASN E 153 3.51 -38.15 -27.41
C ASN E 153 2.04 -37.75 -27.59
N CYS E 154 1.78 -36.98 -28.64
CA CYS E 154 0.43 -36.62 -29.03
C CYS E 154 -0.42 -37.86 -29.31
N ARG E 155 -1.72 -37.79 -29.02
CA ARG E 155 -2.61 -38.93 -29.20
C ARG E 155 -3.05 -39.08 -30.65
N LYS E 156 -2.55 -38.19 -31.50
CA LYS E 156 -2.67 -38.30 -32.96
C LYS E 156 -4.08 -38.16 -33.54
N TRP E 157 -5.12 -38.26 -32.71
CA TRP E 157 -6.49 -38.25 -33.23
C TRP E 157 -7.46 -37.40 -32.42
N MET E 158 -8.50 -36.91 -33.09
CA MET E 158 -9.53 -36.08 -32.47
C MET E 158 -10.94 -36.54 -32.83
N ASN E 159 -11.93 -35.90 -32.22
CA ASN E 159 -13.35 -36.20 -32.45
C ASN E 159 -13.66 -37.67 -32.26
N LEU F 10 -22.65 -8.28 -24.76
CA LEU F 10 -23.25 -8.68 -23.50
C LEU F 10 -22.26 -9.44 -22.62
N ASP F 11 -21.48 -10.32 -23.26
CA ASP F 11 -20.48 -11.14 -22.58
C ASP F 11 -21.11 -12.02 -21.49
N GLU F 12 -22.23 -12.66 -21.84
CA GLU F 12 -22.93 -13.52 -20.90
C GLU F 12 -23.76 -14.56 -21.65
N ASN F 13 -24.00 -15.70 -21.01
CA ASN F 13 -24.81 -16.75 -21.62
C ASN F 13 -26.24 -16.30 -21.88
N VAL F 14 -26.84 -16.83 -22.94
CA VAL F 14 -28.23 -16.58 -23.25
C VAL F 14 -28.99 -17.89 -23.29
N GLU F 15 -30.13 -17.94 -22.62
CA GLU F 15 -30.93 -19.17 -22.58
C GLU F 15 -31.96 -19.18 -23.70
N TYR F 16 -31.75 -20.09 -24.65
CA TYR F 16 -32.61 -20.22 -25.82
C TYR F 16 -34.03 -20.59 -25.42
N GLU F 17 -35.01 -19.89 -25.97
CA GLU F 17 -36.41 -20.21 -25.73
C GLU F 17 -36.98 -20.94 -26.93
N GLU F 18 -37.27 -22.23 -26.76
CA GLU F 18 -37.76 -23.06 -27.86
C GLU F 18 -39.21 -22.73 -28.22
N ARG F 19 -39.56 -22.97 -29.48
CA ARG F 19 -40.94 -22.82 -29.92
C ARG F 19 -41.71 -24.11 -29.69
N GLU F 20 -43.03 -24.03 -29.71
CA GLU F 20 -43.87 -25.21 -29.62
C GLU F 20 -43.57 -26.16 -30.78
N SER F 21 -43.25 -25.58 -31.93
CA SER F 21 -42.99 -26.37 -33.14
C SER F 21 -41.48 -26.51 -33.41
N GLU F 22 -40.67 -26.34 -32.37
CA GLU F 22 -39.22 -26.35 -32.50
C GLU F 22 -38.66 -27.56 -33.23
N PHE F 23 -39.27 -28.72 -33.02
CA PHE F 23 -38.71 -29.98 -33.54
C PHE F 23 -39.48 -30.54 -34.73
N ASP F 24 -40.47 -29.79 -35.21
CA ASP F 24 -41.34 -30.30 -36.26
C ASP F 24 -40.75 -30.11 -37.66
N ILE F 25 -41.18 -30.96 -38.58
CA ILE F 25 -40.79 -30.83 -39.98
C ILE F 25 -41.76 -29.88 -40.69
N GLU F 26 -41.20 -28.99 -41.52
CA GLU F 26 -41.97 -28.02 -42.30
C GLU F 26 -43.20 -28.61 -42.96
N ARG G 2 9.81 25.75 36.54
CA ARG G 2 10.93 24.84 36.25
C ARG G 2 11.11 24.67 34.75
N THR G 3 10.28 23.82 34.15
CA THR G 3 10.42 23.49 32.73
C THR G 3 9.06 23.42 32.03
N LYS G 4 9.05 23.72 30.73
CA LYS G 4 7.88 23.51 29.89
C LYS G 4 7.68 22.01 29.70
N GLN G 5 6.44 21.56 29.66
CA GLN G 5 6.15 20.13 29.61
C GLN G 5 5.03 19.73 28.66
N THR G 6 4.83 18.42 28.53
CA THR G 6 3.75 17.86 27.74
C THR G 6 2.64 17.34 28.66
N ALA G 7 3.05 16.91 29.86
CA ALA G 7 2.10 16.41 30.85
C ALA G 7 2.40 16.99 32.23
ZN ZN H . -3.55 33.66 30.08
N SAH I . 8.70 35.82 25.76
CA SAH I . 9.92 35.01 25.78
CB SAH I . 9.75 33.76 24.93
CG SAH I . 9.13 32.57 25.65
SD SAH I . 10.32 31.73 26.73
C SAH I . 11.14 35.81 25.34
O SAH I . 12.27 35.36 25.49
OXT SAH I . 11.02 36.92 24.83
C5' SAH I . 9.14 31.71 28.10
C4' SAH I . 9.25 32.95 28.98
O4' SAH I . 8.37 33.96 28.51
C3' SAH I . 8.88 32.63 30.42
O3' SAH I . 10.02 32.70 31.25
C2' SAH I . 7.87 33.68 30.82
O2' SAH I . 8.43 34.58 31.75
C1' SAH I . 7.53 34.43 29.54
N9 SAH I . 6.12 34.17 29.18
C8 SAH I . 5.70 33.26 28.25
N7 SAH I . 4.35 33.30 28.20
C5 SAH I . 3.91 34.21 29.09
C6 SAH I . 2.63 34.63 29.44
N6 SAH I . 1.56 34.10 28.85
N1 SAH I . 2.48 35.61 30.40
C2 SAH I . 3.60 36.15 31.03
N3 SAH I . 4.86 35.72 30.67
C4 SAH I . 5.01 34.77 29.72
ZN ZN J . -2.22 -33.84 -29.89
N SAH K . -8.51 -23.03 -34.22
CA SAH K . -9.97 -22.94 -34.21
CB SAH K . -10.48 -22.62 -32.80
CG SAH K . -10.94 -23.84 -32.00
SD SAH K . -12.59 -24.37 -32.50
C SAH K . -10.45 -21.89 -35.21
O SAH K . -11.64 -21.83 -35.55
OXT SAH K . -9.68 -21.07 -35.70
C5' SAH K . -12.07 -26.11 -32.59
C4' SAH K . -11.70 -26.54 -33.99
O4' SAH K . -10.32 -26.26 -34.24
C3' SAH K . -11.92 -28.03 -34.19
O3' SAH K . -13.06 -28.28 -34.97
C2' SAH K . -10.67 -28.52 -34.90
O2' SAH K . -10.95 -28.66 -36.28
C1' SAH K . -9.65 -27.41 -34.72
N9 SAH K . -8.68 -27.87 -33.70
C8 SAH K . -8.72 -27.59 -32.36
N7 SAH K . -7.68 -28.19 -31.76
C5 SAH K . -6.98 -28.88 -32.69
C6 SAH K . -5.84 -29.67 -32.61
N6 SAH K . -5.24 -29.85 -31.44
N1 SAH K . -5.34 -30.26 -33.75
C2 SAH K . -5.97 -30.06 -34.96
N3 SAH K . -7.11 -29.27 -35.03
C4 SAH K . -7.60 -28.69 -33.92
#